data_1UBM
#
_entry.id   1UBM
#
_cell.length_a   97.660
_cell.length_b   125.300
_cell.length_c   66.410
_cell.angle_alpha   90.00
_cell.angle_beta   90.00
_cell.angle_gamma   90.00
#
_symmetry.space_group_name_H-M   'P 21 21 21'
#
loop_
_entity.id
_entity.type
_entity.pdbx_description
1 polymer 'Periplasmic [NiFe] hydrogenase Small subunit'
2 polymer 'Periplasmic [NiFe] hydrogenase Large subunit'
3 non-polymer 'IRON/SULFUR CLUSTER'
4 non-polymer 'FE3-S4 CLUSTER'
5 non-polymer (4S)-2-METHYL-2,4-PENTANEDIOL
6 non-polymer 'MAGNESIUM ION'
7 non-polymer (MU-SULPHIDO)-BIS(MU-CYS,S)-[TRICARBONYLIRON-DI-(CYS,S)NICKEL(II)](FE-NI)
8 water water
#
loop_
_entity_poly.entity_id
_entity_poly.type
_entity_poly.pdbx_seq_one_letter_code
_entity_poly.pdbx_strand_id
1 'polypeptide(L)'
;LMGPRRPSVVYLHNAECTGCSESVLRAFEPYIDTLILDTLSLDYHETIMAAAGDAAEAALEQAVNSPHGFIAVVEGGIPT
AANGIYGKVANHTMLDICSRILPKAQAVIAYGTCATFGGVQAAKPNPTGAKGVNDALKHLGVKAINIAGCPPNPYNLVGT
IVYYLKNKAAPELDSLNRPTMFFGQTVHEQCPRLPHFDAGEFAPSFESEEARKGWCLYELGCKGPVTMNNCPKIKFNQTN
WPVDAGHPCIGCSEPDFWDAMTPFYQN
;
S
2 'polypeptide(L)'
;SSYSGPIVVDPVTRIEGHLRIEVEVENGKVKNAYSSSTLFRGLEIILKGRDPRDAQHFTQRTCGVCTYTHALASTRCVDN
AVGVHIPKNATYIRNLVLGAQYLHDHIVHFYHLHALDFVDVTAALKADPAKAAKVASSISPRKTTAADLKAVQDKLKTFV
ETGQLGPFTNAYFLGGHPAYYLDPETNLIATAHYLEALRLQVKAARAMAVFGAKNPHTQFTVVGGVTCYDALTPQRIAEF
EALWKETKAFVDEVYIPDLLVVAAAYKDWTQYGGTDNFITFGEFPKDEYDLNSRFFKPGVVFKRDFKNIKPFDKMQIEEH
VRHSWYEGAEARHPWKGQTQPKYTDLHGDDRYSWMKAPRYMGEPMETGPLAQVLIAYSQGHPKVKAVTDAVLAKLGVGPE
ALFSTLGRTAARGIETAVIAEYVGVMLQEYKDNIAKGDNVICAPWEMPKQAEGVGFVNAPRGGLSHWIRIEDGKIGNFQL
VVPSTWTLGPRCDKNKLSPVEASLIGTPVADAKRPVEILRTVHSFDPCIACGVH
;
L
#
loop_
_chem_comp.id
_chem_comp.type
_chem_comp.name
_chem_comp.formula
F3S non-polymer 'FE3-S4 CLUSTER' 'Fe3 S4'
FNE non-polymer (MU-SULPHIDO)-BIS(MU-CYS,S)-[TRICARBONYLIRON-DI-(CYS,S)NICKEL(II)](FE-NI) 'C3 Fe Ni O3 S'
MG non-polymer 'MAGNESIUM ION' 'Mg 2'
MPD non-polymer (4S)-2-METHYL-2,4-PENTANEDIOL 'C6 H14 O2'
SF4 non-polymer 'IRON/SULFUR CLUSTER' 'Fe4 S4'
#
# COMPACT_ATOMS: atom_id res chain seq x y z
N LEU A 1 4.95 -22.52 -13.63
CA LEU A 1 5.17 -21.09 -13.61
C LEU A 1 6.11 -20.60 -14.72
N MET A 2 7.08 -21.46 -15.04
CA MET A 2 8.05 -21.29 -16.10
C MET A 2 8.71 -22.60 -16.56
N GLY A 3 9.42 -22.45 -17.68
CA GLY A 3 10.27 -23.37 -18.37
C GLY A 3 11.25 -22.74 -19.32
N PRO A 4 11.14 -23.00 -20.62
CA PRO A 4 12.15 -22.44 -21.55
C PRO A 4 11.95 -20.94 -21.70
N ARG A 5 11.80 -20.50 -22.93
CA ARG A 5 11.34 -19.23 -23.42
C ARG A 5 11.57 -18.01 -22.51
N ARG A 6 10.74 -17.60 -21.54
CA ARG A 6 10.99 -16.34 -20.81
C ARG A 6 11.88 -16.53 -19.60
N PRO A 7 12.88 -15.73 -19.27
CA PRO A 7 13.63 -16.04 -18.03
C PRO A 7 12.75 -15.87 -16.80
N SER A 8 12.94 -16.78 -15.87
CA SER A 8 12.21 -16.85 -14.63
C SER A 8 12.75 -15.90 -13.55
N VAL A 9 11.81 -15.23 -12.90
CA VAL A 9 12.12 -14.29 -11.83
C VAL A 9 11.33 -14.75 -10.59
N VAL A 10 12.04 -14.92 -9.50
CA VAL A 10 11.45 -15.17 -8.18
C VAL A 10 11.57 -13.90 -7.38
N TYR A 11 10.46 -13.34 -6.92
CA TYR A 11 10.53 -12.03 -6.23
C TYR A 11 10.22 -12.30 -4.77
N LEU A 12 11.14 -12.02 -3.87
CA LEU A 12 10.91 -12.30 -2.46
C LEU A 12 10.62 -11.03 -1.67
N HIS A 13 9.76 -11.10 -0.67
CA HIS A 13 9.46 -9.98 0.20
C HIS A 13 9.89 -10.27 1.65
N ASN A 14 10.82 -9.50 2.18
CA ASN A 14 11.32 -9.70 3.54
C ASN A 14 10.67 -8.66 4.43
N ALA A 15 11.55 -7.91 5.10
CA ALA A 15 11.10 -6.81 5.95
C ALA A 15 10.98 -5.56 5.08
N GLU A 16 9.78 -5.28 4.63
CA GLU A 16 9.50 -4.32 3.58
C GLU A 16 8.15 -3.63 3.74
N CYS A 17 8.00 -2.49 3.07
CA CYS A 17 6.74 -1.75 3.11
C CYS A 17 5.91 -1.90 1.81
N THR A 18 6.44 -2.63 0.83
CA THR A 18 5.88 -2.93 -0.48
C THR A 18 5.95 -1.72 -1.42
N GLY A 19 6.59 -0.64 -1.01
CA GLY A 19 6.87 0.52 -1.85
C GLY A 19 7.76 0.16 -3.01
N CYS A 20 8.70 -0.77 -2.76
CA CYS A 20 9.53 -1.19 -3.88
C CYS A 20 8.74 -1.96 -4.93
N SER A 21 7.87 -2.88 -4.50
CA SER A 21 7.03 -3.59 -5.44
C SER A 21 6.15 -2.63 -6.25
N GLU A 22 5.57 -1.66 -5.54
CA GLU A 22 4.74 -0.65 -6.19
C GLU A 22 5.54 0.17 -7.21
N SER A 23 6.82 0.45 -6.89
CA SER A 23 7.58 1.22 -7.87
C SER A 23 7.65 0.44 -9.19
N VAL A 24 7.75 -0.88 -9.13
CA VAL A 24 7.89 -1.64 -10.38
C VAL A 24 6.63 -1.61 -11.23
N LEU A 25 5.48 -1.54 -10.55
CA LEU A 25 4.22 -1.38 -11.27
C LEU A 25 4.15 -0.03 -11.99
N ARG A 26 5.03 0.92 -11.62
CA ARG A 26 5.03 2.20 -12.31
C ARG A 26 5.90 2.17 -13.56
N ALA A 27 6.45 1.01 -13.87
CA ALA A 27 7.25 0.82 -15.08
C ALA A 27 6.62 1.47 -16.31
N PHE A 28 7.46 2.17 -17.06
CA PHE A 28 7.07 2.95 -18.21
C PHE A 28 7.96 2.66 -19.42
N GLU A 29 7.38 2.14 -20.50
CA GLU A 29 8.07 1.91 -21.74
C GLU A 29 9.43 1.21 -21.55
N PRO A 30 9.36 -0.08 -21.22
CA PRO A 30 8.16 -0.91 -21.13
C PRO A 30 7.38 -0.82 -19.83
N TYR A 31 6.06 -1.02 -20.04
CA TYR A 31 5.14 -1.16 -18.92
C TYR A 31 5.18 -2.56 -18.32
N ILE A 32 4.55 -2.64 -17.13
CA ILE A 32 4.65 -3.89 -16.36
C ILE A 32 3.92 -5.03 -17.05
N ASP A 33 2.91 -4.72 -17.87
CA ASP A 33 2.26 -5.79 -18.61
C ASP A 33 3.23 -6.37 -19.64
N THR A 34 3.92 -5.50 -20.37
CA THR A 34 4.93 -6.03 -21.27
C THR A 34 5.98 -6.85 -20.57
N LEU A 35 6.43 -6.30 -19.44
CA LEU A 35 7.42 -7.04 -18.66
C LEU A 35 6.92 -8.41 -18.19
N ILE A 36 5.73 -8.58 -17.66
CA ILE A 36 5.20 -9.84 -17.12
C ILE A 36 4.84 -10.86 -18.21
N LEU A 37 4.42 -10.39 -19.38
CA LEU A 37 3.91 -11.26 -20.43
C LEU A 37 4.92 -11.57 -21.52
N ASP A 38 5.83 -10.64 -21.78
CA ASP A 38 6.79 -10.77 -22.88
C ASP A 38 8.24 -10.86 -22.45
N THR A 39 8.66 -10.02 -21.51
CA THR A 39 10.11 -9.98 -21.21
C THR A 39 10.55 -11.12 -20.28
N LEU A 40 9.80 -11.31 -19.21
CA LEU A 40 10.15 -12.12 -18.09
C LEU A 40 8.99 -13.09 -17.81
N SER A 41 9.23 -14.06 -16.97
CA SER A 41 8.23 -14.90 -16.34
C SER A 41 8.30 -14.64 -14.83
N LEU A 42 7.30 -13.95 -14.30
CA LEU A 42 7.26 -13.64 -12.87
C LEU A 42 6.64 -14.82 -12.14
N ASP A 43 7.47 -15.66 -11.55
CA ASP A 43 7.02 -16.98 -11.13
C ASP A 43 6.65 -17.08 -9.66
N TYR A 44 6.95 -16.01 -8.94
CA TYR A 44 6.56 -15.91 -7.55
C TYR A 44 6.62 -14.44 -7.16
N HIS A 45 5.54 -13.94 -6.58
CA HIS A 45 5.44 -12.57 -6.13
C HIS A 45 4.19 -12.46 -5.25
N GLU A 46 4.38 -12.39 -3.94
CA GLU A 46 3.24 -12.54 -3.04
C GLU A 46 2.15 -11.49 -3.17
N THR A 47 2.50 -10.30 -3.62
CA THR A 47 1.58 -9.18 -3.77
C THR A 47 0.57 -9.40 -4.90
N ILE A 48 1.00 -10.04 -5.98
CA ILE A 48 0.04 -10.14 -7.08
C ILE A 48 -0.25 -11.55 -7.53
N MET A 49 0.43 -12.57 -7.01
CA MET A 49 0.16 -13.93 -7.49
C MET A 49 -1.21 -14.46 -7.04
N ALA A 50 -1.76 -15.33 -7.90
CA ALA A 50 -3.10 -15.89 -7.69
C ALA A 50 -3.13 -16.90 -6.57
N ALA A 51 -2.12 -17.76 -6.56
CA ALA A 51 -2.08 -18.82 -5.53
C ALA A 51 -1.76 -18.22 -4.17
N ALA A 52 -2.25 -18.87 -3.12
CA ALA A 52 -1.96 -18.56 -1.74
C ALA A 52 -1.61 -19.82 -0.94
N GLY A 53 -1.11 -19.59 0.27
CA GLY A 53 -0.85 -20.74 1.12
C GLY A 53 0.04 -21.81 0.54
N ASP A 54 -0.32 -23.08 0.76
CA ASP A 54 0.42 -24.22 0.29
C ASP A 54 0.65 -24.17 -1.22
N ALA A 55 -0.35 -23.69 -1.97
CA ALA A 55 -0.26 -23.60 -3.43
C ALA A 55 0.84 -22.59 -3.82
N ALA A 56 0.92 -21.48 -3.09
CA ALA A 56 1.94 -20.47 -3.25
C ALA A 56 3.32 -21.08 -2.90
N GLU A 57 3.41 -21.83 -1.81
CA GLU A 57 4.69 -22.41 -1.45
C GLU A 57 5.18 -23.41 -2.50
N ALA A 58 4.24 -24.17 -3.04
CA ALA A 58 4.57 -25.12 -4.12
C ALA A 58 5.03 -24.41 -5.39
N ALA A 59 4.39 -23.29 -5.75
CA ALA A 59 4.84 -22.49 -6.87
C ALA A 59 6.27 -22.01 -6.62
N LEU A 60 6.61 -21.56 -5.42
CA LEU A 60 7.99 -21.10 -5.14
C LEU A 60 8.96 -22.25 -5.39
N GLU A 61 8.64 -23.39 -4.81
CA GLU A 61 9.51 -24.56 -4.89
C GLU A 61 9.75 -24.93 -6.35
N GLN A 62 8.63 -24.91 -7.08
CA GLN A 62 8.68 -25.26 -8.48
C GLN A 62 9.68 -24.35 -9.18
N ALA A 63 9.56 -23.05 -8.89
CA ALA A 63 10.38 -22.05 -9.55
C ALA A 63 11.86 -22.11 -9.20
N VAL A 64 12.12 -22.32 -7.91
CA VAL A 64 13.50 -22.33 -7.47
C VAL A 64 14.21 -23.58 -7.97
N ASN A 65 13.52 -24.69 -8.14
CA ASN A 65 14.18 -25.95 -8.46
C ASN A 65 14.24 -26.22 -9.97
N SER A 66 13.85 -25.18 -10.71
CA SER A 66 13.75 -25.42 -12.15
C SER A 66 15.12 -25.58 -12.79
N PRO A 67 15.32 -26.62 -13.59
CA PRO A 67 16.58 -26.77 -14.33
C PRO A 67 16.95 -25.59 -15.24
N HIS A 68 16.00 -24.76 -15.67
CA HIS A 68 16.24 -23.57 -16.46
C HIS A 68 16.83 -22.42 -15.66
N GLY A 69 16.90 -22.49 -14.33
CA GLY A 69 17.50 -21.38 -13.58
C GLY A 69 16.54 -20.24 -13.39
N PHE A 70 16.86 -19.36 -12.44
CA PHE A 70 16.03 -18.20 -12.15
C PHE A 70 16.92 -17.07 -11.63
N ILE A 71 16.38 -15.88 -11.78
CA ILE A 71 16.88 -14.63 -11.25
C ILE A 71 16.08 -14.34 -9.97
N ALA A 72 16.71 -13.95 -8.89
CA ALA A 72 15.97 -13.56 -7.70
C ALA A 72 16.01 -12.02 -7.60
N VAL A 73 14.83 -11.46 -7.30
CA VAL A 73 14.75 -10.03 -6.98
C VAL A 73 14.26 -9.97 -5.54
N VAL A 74 15.00 -9.29 -4.70
CA VAL A 74 14.66 -9.28 -3.28
C VAL A 74 14.32 -7.88 -2.79
N GLU A 75 13.18 -7.77 -2.12
CA GLU A 75 12.69 -6.56 -1.47
C GLU A 75 12.69 -6.78 0.05
N GLY A 76 13.17 -5.75 0.74
CA GLY A 76 13.19 -5.74 2.19
C GLY A 76 14.47 -6.24 2.79
N GLY A 77 14.67 -5.82 4.04
CA GLY A 77 15.79 -6.30 4.82
C GLY A 77 15.45 -7.63 5.48
N ILE A 78 16.53 -8.25 5.94
CA ILE A 78 16.37 -9.57 6.54
C ILE A 78 16.50 -9.43 8.03
N PRO A 79 15.45 -9.67 8.78
CA PRO A 79 15.56 -9.58 10.26
C PRO A 79 16.37 -10.75 10.80
N THR A 80 17.45 -10.46 11.54
CA THR A 80 18.29 -11.55 12.02
C THR A 80 18.33 -11.72 13.53
N ALA A 81 17.82 -10.75 14.27
CA ALA A 81 17.79 -10.88 15.74
C ALA A 81 16.95 -12.07 16.15
N ALA A 82 17.26 -12.63 17.30
CA ALA A 82 16.45 -13.72 17.86
C ALA A 82 16.26 -14.84 16.85
N ASN A 83 17.34 -15.09 16.13
CA ASN A 83 17.29 -16.24 15.23
C ASN A 83 16.29 -16.05 14.10
N GLY A 84 16.03 -14.79 13.70
CA GLY A 84 15.20 -14.43 12.57
C GLY A 84 13.70 -14.43 12.80
N ILE A 85 13.23 -14.59 14.05
CA ILE A 85 11.80 -14.80 14.28
C ILE A 85 10.94 -13.57 14.05
N TYR A 86 11.55 -12.39 13.89
CA TYR A 86 10.72 -11.19 13.72
C TYR A 86 10.08 -11.13 12.34
N GLY A 87 10.52 -11.98 11.42
CA GLY A 87 9.95 -12.08 10.09
C GLY A 87 9.84 -13.53 9.62
N LYS A 88 8.62 -14.01 9.40
CA LYS A 88 8.36 -15.34 8.89
C LYS A 88 7.33 -15.29 7.77
N VAL A 89 7.55 -16.19 6.84
CA VAL A 89 6.58 -16.54 5.83
C VAL A 89 6.39 -18.05 5.81
N ALA A 90 5.13 -18.50 5.84
CA ALA A 90 4.86 -19.93 5.84
C ALA A 90 5.55 -20.61 7.02
N ASN A 91 5.60 -19.82 8.08
CA ASN A 91 6.23 -20.14 9.32
C ASN A 91 7.70 -20.54 9.19
N HIS A 92 8.39 -20.06 8.17
CA HIS A 92 9.82 -20.14 8.11
C HIS A 92 10.41 -18.73 8.25
N THR A 93 11.57 -18.59 8.88
CA THR A 93 12.05 -17.20 8.99
C THR A 93 12.56 -16.73 7.65
N MET A 94 12.49 -15.42 7.48
CA MET A 94 13.03 -14.82 6.26
C MET A 94 14.50 -15.12 6.02
N LEU A 95 15.26 -15.09 7.11
CA LEU A 95 16.67 -15.44 7.05
C LEU A 95 16.92 -16.79 6.39
N ASP A 96 16.29 -17.85 6.77
CA ASP A 96 16.26 -19.27 6.42
C ASP A 96 15.78 -19.35 4.96
N ILE A 97 14.71 -18.62 4.64
CA ILE A 97 14.18 -18.66 3.28
C ILE A 97 15.24 -18.13 2.30
N CYS A 98 15.79 -16.99 2.69
CA CYS A 98 16.75 -16.35 1.78
C CYS A 98 18.03 -17.16 1.67
N SER A 99 18.39 -17.74 2.83
CA SER A 99 19.59 -18.55 2.90
C SER A 99 19.49 -19.76 1.99
N ARG A 100 18.27 -20.25 1.88
CA ARG A 100 18.09 -21.45 1.07
C ARG A 100 17.91 -21.16 -0.41
N ILE A 101 17.22 -20.08 -0.69
CA ILE A 101 16.91 -19.79 -2.09
C ILE A 101 18.01 -19.00 -2.78
N LEU A 102 18.50 -17.95 -2.12
CA LEU A 102 19.38 -17.07 -2.88
C LEU A 102 20.65 -17.73 -3.37
N PRO A 103 21.30 -18.60 -2.62
CA PRO A 103 22.47 -19.23 -3.24
C PRO A 103 22.13 -20.04 -4.49
N LYS A 104 20.90 -20.40 -4.80
CA LYS A 104 20.54 -21.14 -6.00
C LYS A 104 20.22 -20.25 -7.20
N ALA A 105 20.06 -18.97 -7.02
CA ALA A 105 19.75 -18.13 -8.17
C ALA A 105 20.94 -17.97 -9.10
N GLN A 106 20.64 -17.76 -10.37
CA GLN A 106 21.74 -17.47 -11.29
C GLN A 106 22.32 -16.07 -11.11
N ALA A 107 21.44 -15.21 -10.62
CA ALA A 107 21.77 -13.82 -10.29
C ALA A 107 20.77 -13.29 -9.26
N VAL A 108 21.21 -12.39 -8.38
CA VAL A 108 20.39 -11.79 -7.34
C VAL A 108 20.46 -10.27 -7.43
N ILE A 109 19.29 -9.67 -7.44
CA ILE A 109 19.16 -8.24 -7.39
C ILE A 109 18.47 -7.88 -6.08
N ALA A 110 19.16 -7.04 -5.33
CA ALA A 110 18.58 -6.48 -4.11
C ALA A 110 17.98 -5.13 -4.49
N TYR A 111 16.67 -5.03 -4.39
CA TYR A 111 15.93 -3.89 -4.91
C TYR A 111 15.39 -3.12 -3.73
N GLY A 112 15.86 -1.88 -3.60
CA GLY A 112 15.52 -0.93 -2.59
C GLY A 112 16.55 -0.88 -1.46
N THR A 113 16.64 0.28 -0.82
CA THR A 113 17.61 0.47 0.27
C THR A 113 17.45 -0.53 1.40
N CYS A 114 16.26 -1.01 1.69
CA CYS A 114 16.11 -2.08 2.73
C CYS A 114 16.87 -3.32 2.30
N ALA A 115 16.64 -3.81 1.08
CA ALA A 115 17.34 -5.03 0.70
C ALA A 115 18.81 -4.78 0.44
N THR A 116 19.14 -3.60 -0.06
CA THR A 116 20.56 -3.40 -0.31
C THR A 116 21.36 -3.16 0.98
N PHE A 117 20.89 -2.30 1.88
CA PHE A 117 21.66 -1.81 3.03
C PHE A 117 21.00 -1.99 4.39
N GLY A 118 19.78 -2.54 4.46
CA GLY A 118 19.11 -2.74 5.73
C GLY A 118 17.86 -1.89 5.91
N GLY A 119 17.93 -0.63 5.51
CA GLY A 119 16.84 0.31 5.46
C GLY A 119 16.20 0.67 6.76
N VAL A 120 14.91 1.00 6.63
CA VAL A 120 14.25 1.74 7.71
C VAL A 120 14.21 0.92 8.97
N GLN A 121 13.96 -0.37 8.87
CA GLN A 121 13.91 -1.17 10.10
C GLN A 121 15.31 -1.41 10.68
N ALA A 122 16.36 -1.13 9.90
CA ALA A 122 17.72 -1.25 10.43
C ALA A 122 18.23 0.02 11.12
N ALA A 123 17.44 1.09 11.05
CA ALA A 123 17.79 2.33 11.73
C ALA A 123 17.82 2.09 13.23
N LYS A 124 18.64 2.85 13.91
CA LYS A 124 18.82 2.70 15.35
C LYS A 124 17.51 2.70 16.11
N PRO A 125 17.28 1.85 17.10
CA PRO A 125 18.21 0.86 17.63
C PRO A 125 18.12 -0.53 17.03
N ASN A 126 17.56 -0.54 15.83
CA ASN A 126 17.44 -1.74 15.04
C ASN A 126 16.96 -2.94 15.88
N PRO A 127 15.73 -2.86 16.38
CA PRO A 127 15.24 -3.91 17.28
C PRO A 127 15.18 -5.30 16.62
N THR A 128 15.04 -5.43 15.31
CA THR A 128 14.96 -6.77 14.75
C THR A 128 16.25 -7.28 14.11
N GLY A 129 17.34 -6.53 14.28
CA GLY A 129 18.60 -6.89 13.69
C GLY A 129 18.50 -7.14 12.19
N ALA A 130 17.68 -6.45 11.46
CA ALA A 130 17.62 -6.25 10.04
C ALA A 130 18.97 -5.88 9.38
N LYS A 131 19.28 -6.63 8.32
CA LYS A 131 20.47 -6.46 7.50
C LYS A 131 20.08 -6.49 6.03
N GLY A 132 20.87 -5.81 5.20
CA GLY A 132 20.81 -5.97 3.76
C GLY A 132 21.18 -7.39 3.38
N VAL A 133 20.80 -7.75 2.14
CA VAL A 133 21.01 -9.12 1.69
C VAL A 133 22.47 -9.49 1.70
N ASN A 134 23.32 -8.64 1.12
CA ASN A 134 24.72 -9.06 1.04
C ASN A 134 25.35 -9.16 2.42
N ASP A 135 24.98 -8.28 3.34
CA ASP A 135 25.48 -8.37 4.71
C ASP A 135 25.03 -9.65 5.40
N ALA A 136 23.75 -9.91 5.31
CA ALA A 136 23.14 -11.07 5.93
C ALA A 136 23.72 -12.38 5.41
N LEU A 137 24.00 -12.45 4.11
CA LEU A 137 24.26 -13.75 3.50
C LEU A 137 25.68 -13.86 2.97
N LYS A 138 26.52 -12.98 3.50
CA LYS A 138 27.93 -12.91 3.08
C LYS A 138 28.55 -14.29 3.06
N HIS A 139 28.30 -15.01 4.16
CA HIS A 139 28.89 -16.30 4.43
C HIS A 139 28.44 -17.38 3.45
N LEU A 140 27.36 -17.16 2.72
CA LEU A 140 26.95 -18.16 1.73
C LEU A 140 27.36 -17.77 0.33
N GLY A 141 28.12 -16.67 0.24
CA GLY A 141 28.68 -16.35 -1.06
C GLY A 141 27.77 -15.52 -1.95
N VAL A 142 26.66 -15.03 -1.41
CA VAL A 142 25.73 -14.20 -2.16
C VAL A 142 26.22 -12.77 -2.37
N LYS A 143 26.17 -12.38 -3.65
CA LYS A 143 26.59 -11.04 -4.04
C LYS A 143 25.51 -10.44 -4.94
N ALA A 144 24.56 -9.81 -4.27
CA ALA A 144 23.46 -9.23 -4.99
C ALA A 144 23.91 -7.91 -5.63
N ILE A 145 23.42 -7.64 -6.83
CA ILE A 145 23.47 -6.30 -7.39
C ILE A 145 22.54 -5.40 -6.57
N ASN A 146 23.07 -4.28 -6.09
CA ASN A 146 22.28 -3.40 -5.25
C ASN A 146 21.68 -2.26 -6.07
N ILE A 147 20.36 -2.20 -6.10
CA ILE A 147 19.66 -1.07 -6.72
C ILE A 147 18.98 -0.33 -5.60
N ALA A 148 19.64 0.73 -5.15
CA ALA A 148 19.25 1.48 -3.96
C ALA A 148 18.25 2.60 -4.27
N GLY A 149 17.61 3.07 -3.20
CA GLY A 149 16.57 4.05 -3.18
C GLY A 149 15.38 3.55 -2.36
N CYS A 150 14.53 4.52 -1.98
CA CYS A 150 13.47 4.21 -1.04
C CYS A 150 12.14 4.82 -1.47
N PRO A 151 11.58 4.28 -2.55
CA PRO A 151 12.09 3.19 -3.37
C PRO A 151 12.93 3.72 -4.54
N PRO A 152 13.62 2.79 -5.16
CA PRO A 152 14.45 3.17 -6.30
C PRO A 152 13.58 3.58 -7.49
N ASN A 153 14.30 4.19 -8.43
CA ASN A 153 13.67 4.42 -9.72
C ASN A 153 13.46 3.11 -10.48
N PRO A 154 12.24 2.77 -10.87
CA PRO A 154 12.05 1.47 -11.52
C PRO A 154 12.82 1.39 -12.84
N TYR A 155 13.09 2.54 -13.42
CA TYR A 155 13.98 2.57 -14.60
C TYR A 155 15.28 1.82 -14.34
N ASN A 156 15.76 1.97 -13.12
CA ASN A 156 17.03 1.32 -12.80
C ASN A 156 16.99 -0.20 -12.68
N LEU A 157 15.84 -0.72 -12.21
CA LEU A 157 15.67 -2.17 -12.12
C LEU A 157 15.56 -2.78 -13.52
N VAL A 158 14.66 -2.19 -14.32
CA VAL A 158 14.45 -2.73 -15.66
C VAL A 158 15.75 -2.64 -16.45
N GLY A 159 16.45 -1.50 -16.32
CA GLY A 159 17.72 -1.34 -17.02
C GLY A 159 18.79 -2.37 -16.68
N THR A 160 18.81 -2.71 -15.39
CA THR A 160 19.74 -3.69 -14.91
C THR A 160 19.36 -5.08 -15.40
N ILE A 161 18.07 -5.39 -15.31
CA ILE A 161 17.68 -6.74 -15.78
C ILE A 161 17.97 -6.90 -17.28
N VAL A 162 17.57 -5.87 -18.04
CA VAL A 162 17.79 -5.95 -19.50
C VAL A 162 19.27 -6.11 -19.82
N TYR A 163 20.11 -5.36 -19.13
CA TYR A 163 21.56 -5.51 -19.36
C TYR A 163 21.98 -6.96 -19.14
N TYR A 164 21.56 -7.47 -17.98
CA TYR A 164 21.98 -8.80 -17.59
C TYR A 164 21.54 -9.83 -18.63
N LEU A 165 20.29 -9.68 -19.12
CA LEU A 165 19.77 -10.65 -20.05
C LEU A 165 20.50 -10.57 -21.38
N LYS A 166 20.87 -9.34 -21.75
CA LYS A 166 21.63 -9.17 -22.99
C LYS A 166 23.06 -9.68 -22.87
N ASN A 167 23.73 -9.35 -21.76
CA ASN A 167 25.17 -9.56 -21.62
C ASN A 167 25.51 -10.76 -20.75
N LYS A 168 24.54 -11.41 -20.13
CA LYS A 168 24.77 -12.57 -19.27
C LYS A 168 25.80 -12.27 -18.17
N ALA A 169 25.76 -11.03 -17.72
CA ALA A 169 26.63 -10.50 -16.70
C ALA A 169 26.10 -9.21 -16.06
N ALA A 170 26.55 -8.90 -14.85
CA ALA A 170 26.18 -7.61 -14.28
C ALA A 170 26.88 -6.47 -15.02
N PRO A 171 26.28 -5.29 -14.99
CA PRO A 171 26.96 -4.07 -15.46
C PRO A 171 28.04 -3.66 -14.46
N GLU A 172 28.84 -2.67 -14.87
CA GLU A 172 29.82 -2.15 -13.92
C GLU A 172 29.11 -1.64 -12.66
N LEU A 173 29.69 -2.03 -11.54
CA LEU A 173 29.20 -1.76 -10.21
C LEU A 173 30.19 -0.93 -9.38
N ASP A 174 29.59 -0.05 -8.56
CA ASP A 174 30.40 0.83 -7.72
C ASP A 174 30.76 0.07 -6.46
N SER A 175 31.39 0.80 -5.54
CA SER A 175 31.89 0.16 -4.34
C SER A 175 30.79 -0.28 -3.39
N LEU A 176 29.55 0.14 -3.58
CA LEU A 176 28.38 -0.35 -2.83
C LEU A 176 27.57 -1.33 -3.68
N ASN A 177 28.15 -1.79 -4.78
CA ASN A 177 27.63 -2.80 -5.65
C ASN A 177 26.43 -2.28 -6.42
N ARG A 178 26.36 -0.97 -6.62
CA ARG A 178 25.30 -0.35 -7.40
C ARG A 178 25.73 -0.13 -8.83
N PRO A 179 24.92 -0.32 -9.85
CA PRO A 179 25.34 -0.05 -11.25
C PRO A 179 25.76 1.40 -11.45
N THR A 180 26.99 1.58 -11.91
CA THR A 180 27.50 2.92 -12.19
C THR A 180 26.69 3.66 -13.25
N MET A 181 25.98 2.91 -14.11
CA MET A 181 25.26 3.58 -15.17
C MET A 181 24.10 4.36 -14.57
N PHE A 182 23.70 4.01 -13.36
CA PHE A 182 22.61 4.77 -12.76
C PHE A 182 23.02 5.55 -11.52
N PHE A 183 24.05 5.06 -10.84
CA PHE A 183 24.44 5.67 -9.56
C PHE A 183 25.79 6.36 -9.58
N GLY A 184 26.27 6.69 -10.77
CA GLY A 184 27.57 7.30 -10.97
C GLY A 184 27.70 8.76 -10.66
N GLN A 185 26.58 9.45 -10.53
CA GLN A 185 26.62 10.89 -10.28
C GLN A 185 25.86 11.27 -9.01
N THR A 186 26.32 12.31 -8.32
CA THR A 186 25.47 12.75 -7.22
C THR A 186 24.19 13.37 -7.75
N VAL A 187 23.18 13.31 -6.87
CA VAL A 187 21.95 14.03 -7.19
C VAL A 187 22.24 15.49 -7.49
N HIS A 188 23.12 16.03 -6.67
CA HIS A 188 23.45 17.47 -6.68
C HIS A 188 24.07 17.93 -7.97
N GLU A 189 24.98 17.13 -8.51
CA GLU A 189 25.66 17.60 -9.70
C GLU A 189 24.70 17.67 -10.87
N GLN A 190 23.56 17.03 -10.79
CA GLN A 190 22.50 17.01 -11.82
C GLN A 190 21.34 17.96 -11.57
N CYS A 191 21.41 18.72 -10.48
CA CYS A 191 20.29 19.44 -9.95
C CYS A 191 20.14 20.81 -10.62
N PRO A 192 18.91 21.16 -10.97
CA PRO A 192 18.69 22.46 -11.63
C PRO A 192 18.99 23.65 -10.70
N ARG A 193 19.02 23.44 -9.40
CA ARG A 193 19.30 24.55 -8.49
C ARG A 193 20.79 24.75 -8.24
N LEU A 194 21.64 23.94 -8.88
CA LEU A 194 23.09 24.10 -8.69
C LEU A 194 23.61 25.52 -8.93
N PRO A 195 23.14 26.29 -9.88
CA PRO A 195 23.60 27.69 -9.96
C PRO A 195 23.33 28.52 -8.71
N HIS A 196 22.18 28.27 -8.08
CA HIS A 196 21.93 28.98 -6.84
C HIS A 196 22.89 28.54 -5.76
N PHE A 197 23.13 27.23 -5.69
CA PHE A 197 24.10 26.71 -4.71
C PHE A 197 25.44 27.42 -4.92
N ASP A 198 25.83 27.46 -6.20
CA ASP A 198 27.13 28.07 -6.48
C ASP A 198 27.16 29.53 -6.06
N ALA A 199 26.02 30.20 -6.12
CA ALA A 199 25.94 31.63 -5.86
C ALA A 199 25.71 31.85 -4.37
N GLY A 200 25.63 30.77 -3.61
CA GLY A 200 25.32 30.93 -2.19
C GLY A 200 23.89 31.39 -1.97
N GLU A 201 23.01 31.12 -2.93
CA GLU A 201 21.61 31.53 -2.80
C GLU A 201 20.76 30.40 -2.23
N PHE A 202 20.54 30.39 -0.93
CA PHE A 202 19.82 29.36 -0.21
C PHE A 202 18.51 29.86 0.34
N ALA A 203 17.51 29.00 0.25
CA ALA A 203 16.23 29.31 0.87
C ALA A 203 16.41 29.21 2.38
N PRO A 204 16.05 30.21 3.16
CA PRO A 204 16.14 30.12 4.62
C PRO A 204 15.00 29.39 5.30
N SER A 205 13.91 29.22 4.58
CA SER A 205 12.75 28.48 5.06
C SER A 205 11.85 28.11 3.89
N PHE A 206 10.89 27.24 4.17
CA PHE A 206 10.01 26.83 3.09
C PHE A 206 8.99 27.90 2.71
N GLU A 207 8.64 28.75 3.66
CA GLU A 207 7.68 29.83 3.40
C GLU A 207 8.27 31.02 2.68
N SER A 208 9.59 31.08 2.60
CA SER A 208 10.31 32.23 2.11
C SER A 208 10.11 32.46 0.61
N GLU A 209 10.33 33.74 0.30
CA GLU A 209 10.24 34.08 -1.11
C GLU A 209 11.42 33.43 -1.85
N GLU A 210 12.55 33.19 -1.18
CA GLU A 210 13.66 32.45 -1.78
C GLU A 210 13.24 31.04 -2.19
N ALA A 211 12.49 30.34 -1.36
CA ALA A 211 11.97 29.02 -1.73
C ALA A 211 11.04 29.12 -2.93
N ARG A 212 10.17 30.13 -2.89
CA ARG A 212 9.22 30.32 -3.98
C ARG A 212 9.95 30.45 -5.32
N LYS A 213 11.08 31.13 -5.29
CA LYS A 213 11.83 31.42 -6.51
C LYS A 213 12.75 30.27 -6.88
N GLY A 214 12.72 29.18 -6.10
CA GLY A 214 13.52 28.01 -6.43
C GLY A 214 14.98 28.00 -6.05
N TRP A 215 15.33 28.78 -5.00
CA TRP A 215 16.71 28.78 -4.50
C TRP A 215 17.08 27.43 -3.91
N CYS A 216 18.37 27.25 -3.71
CA CYS A 216 18.89 25.96 -3.23
C CYS A 216 18.37 25.61 -1.83
N LEU A 217 18.10 24.34 -1.64
CA LEU A 217 17.58 23.79 -0.40
C LEU A 217 18.61 23.23 0.58
N TYR A 218 19.90 23.49 0.35
CA TYR A 218 20.94 22.95 1.21
C TYR A 218 20.76 23.33 2.66
N GLU A 219 20.39 24.60 2.92
CA GLU A 219 20.32 25.06 4.30
C GLU A 219 19.11 24.41 4.97
N LEU A 220 18.22 23.92 4.15
CA LEU A 220 17.03 23.25 4.66
C LEU A 220 17.21 21.73 4.73
N GLY A 221 18.45 21.30 4.58
CA GLY A 221 18.79 19.91 4.86
C GLY A 221 19.10 19.07 3.64
N CYS A 222 19.11 19.65 2.45
CA CYS A 222 19.24 18.80 1.27
C CYS A 222 20.51 17.95 1.26
N LYS A 223 20.29 16.64 1.04
CA LYS A 223 21.36 15.66 1.02
C LYS A 223 21.85 15.32 -0.40
N GLY A 224 21.34 16.04 -1.38
CA GLY A 224 21.84 15.89 -2.74
C GLY A 224 23.33 15.78 -2.93
N PRO A 225 24.11 16.65 -2.27
CA PRO A 225 25.56 16.58 -2.43
C PRO A 225 26.21 15.29 -1.95
N VAL A 226 25.52 14.50 -1.14
CA VAL A 226 26.15 13.29 -0.60
C VAL A 226 25.43 12.02 -1.02
N THR A 227 24.57 12.15 -2.01
CA THR A 227 23.70 11.06 -2.43
C THR A 227 23.83 10.73 -3.90
N MET A 228 24.01 9.44 -4.18
CA MET A 228 24.20 8.97 -5.55
C MET A 228 22.89 8.38 -6.08
N ASN A 229 22.35 9.04 -7.09
CA ASN A 229 21.09 8.59 -7.73
C ASN A 229 20.93 9.45 -8.99
N ASN A 230 20.08 9.13 -9.89
CA ASN A 230 19.75 9.65 -11.19
C ASN A 230 18.42 10.39 -11.18
N CYS A 231 17.90 10.74 -9.99
CA CYS A 231 16.61 11.38 -9.87
C CYS A 231 16.37 12.61 -10.74
N PRO A 232 17.27 13.58 -10.79
CA PRO A 232 17.00 14.78 -11.61
C PRO A 232 16.95 14.50 -13.10
N LYS A 233 17.57 13.41 -13.51
CA LYS A 233 17.68 13.06 -14.90
C LYS A 233 16.47 12.29 -15.42
N ILE A 234 16.13 11.22 -14.73
CA ILE A 234 15.03 10.35 -15.12
C ILE A 234 13.69 10.83 -14.56
N LYS A 235 13.80 11.45 -13.41
CA LYS A 235 12.64 11.82 -12.63
C LYS A 235 11.82 10.58 -12.30
N PHE A 236 10.69 10.83 -11.64
CA PHE A 236 9.76 9.81 -11.21
C PHE A 236 8.40 10.04 -11.86
N ASN A 237 7.78 8.93 -12.23
CA ASN A 237 6.47 8.98 -12.84
C ASN A 237 6.45 9.89 -14.07
N GLN A 238 7.59 10.02 -14.73
CA GLN A 238 7.74 10.76 -15.96
C GLN A 238 7.38 12.22 -15.71
N THR A 239 7.50 12.71 -14.47
CA THR A 239 7.09 14.12 -14.30
C THR A 239 7.73 14.93 -13.18
N ASN A 240 8.31 14.34 -12.11
CA ASN A 240 8.80 15.22 -11.05
C ASN A 240 9.86 14.56 -10.20
N TRP A 241 10.48 15.29 -9.30
CA TRP A 241 11.38 14.66 -8.32
C TRP A 241 11.43 15.58 -7.09
N PRO A 242 11.88 15.10 -5.94
CA PRO A 242 11.78 15.87 -4.69
C PRO A 242 12.20 17.33 -4.80
N VAL A 243 13.38 17.64 -5.32
CA VAL A 243 13.78 19.05 -5.30
C VAL A 243 12.90 19.89 -6.20
N ASP A 244 12.44 19.33 -7.32
CA ASP A 244 11.56 20.14 -8.17
C ASP A 244 10.18 20.36 -7.54
N ALA A 245 9.87 19.54 -6.53
CA ALA A 245 8.65 19.75 -5.74
C ALA A 245 8.89 20.59 -4.48
N GLY A 246 10.10 21.14 -4.42
CA GLY A 246 10.49 22.06 -3.39
C GLY A 246 11.01 21.49 -2.10
N HIS A 247 11.25 20.18 -2.09
CA HIS A 247 11.68 19.53 -0.85
C HIS A 247 13.09 18.97 -0.94
N PRO A 248 13.86 19.10 0.13
CA PRO A 248 15.21 18.54 0.10
C PRO A 248 15.24 17.03 -0.16
N CYS A 249 16.31 16.63 -0.83
CA CYS A 249 16.74 15.22 -0.88
C CYS A 249 17.04 14.75 0.55
N ILE A 250 16.54 13.56 0.88
CA ILE A 250 16.81 13.00 2.20
C ILE A 250 17.84 11.88 2.16
N GLY A 251 18.45 11.63 1.01
CA GLY A 251 19.60 10.78 0.83
C GLY A 251 19.22 9.30 0.68
N CYS A 252 18.07 9.00 0.10
CA CYS A 252 17.47 7.70 0.30
C CYS A 252 18.10 6.55 -0.46
N SER A 253 19.05 6.81 -1.32
CA SER A 253 19.79 5.71 -1.92
C SER A 253 21.11 5.41 -1.24
N GLU A 254 21.37 5.98 -0.09
CA GLU A 254 22.62 5.75 0.61
C GLU A 254 22.49 4.84 1.81
N PRO A 255 23.54 4.09 2.10
CA PRO A 255 23.47 3.17 3.24
C PRO A 255 23.27 3.91 4.54
N ASP A 256 22.46 3.31 5.40
CA ASP A 256 22.23 3.85 6.74
C ASP A 256 21.73 5.27 6.66
N PHE A 257 21.02 5.66 5.58
CA PHE A 257 20.68 7.08 5.49
C PHE A 257 19.78 7.54 6.62
N TRP A 258 18.96 6.67 7.17
CA TRP A 258 18.06 7.03 8.26
C TRP A 258 18.79 7.64 9.45
N ASP A 259 20.03 7.18 9.66
CA ASP A 259 20.87 7.62 10.76
C ASP A 259 21.93 8.61 10.28
N ALA A 260 22.47 8.45 9.07
CA ALA A 260 23.52 9.32 8.55
C ALA A 260 23.02 10.70 8.09
N MET A 261 21.78 10.69 7.60
CA MET A 261 21.25 11.90 6.96
C MET A 261 20.34 12.72 7.88
N THR A 262 20.09 12.16 9.05
CA THR A 262 19.22 12.83 9.98
C THR A 262 20.04 13.72 10.91
N PRO A 263 19.46 14.82 11.34
CA PRO A 263 18.13 15.32 11.05
C PRO A 263 17.98 15.78 9.60
N PHE A 264 16.83 15.37 9.07
CA PHE A 264 16.69 15.62 7.63
C PHE A 264 16.69 17.08 7.29
N TYR A 265 16.32 17.95 8.22
CA TYR A 265 16.20 19.37 7.83
C TYR A 265 17.43 20.15 8.27
N GLN A 266 18.52 19.49 8.57
CA GLN A 266 19.78 20.15 8.89
C GLN A 266 20.95 19.75 7.99
N ASN A 267 21.82 20.71 7.71
CA ASN A 267 23.13 20.45 7.14
C ASN A 267 24.16 21.20 7.99
N SER B 1 -19.10 -33.95 0.72
CA SER B 1 -17.78 -33.30 0.72
C SER B 1 -17.78 -32.09 1.65
N SER B 2 -18.03 -32.33 2.93
CA SER B 2 -17.93 -31.32 3.98
C SER B 2 -16.84 -31.69 5.00
N TYR B 3 -15.79 -30.90 4.80
CA TYR B 3 -14.54 -31.00 5.51
C TYR B 3 -14.72 -30.49 6.94
N SER B 4 -14.05 -31.24 7.80
CA SER B 4 -13.87 -30.86 9.20
C SER B 4 -12.38 -30.90 9.49
N GLY B 5 -11.89 -29.81 10.03
CA GLY B 5 -10.47 -29.76 10.34
C GLY B 5 -10.02 -28.32 10.21
N PRO B 6 -8.73 -28.16 10.41
CA PRO B 6 -8.08 -26.87 10.29
C PRO B 6 -7.79 -26.56 8.83
N ILE B 7 -7.71 -25.26 8.57
CA ILE B 7 -7.09 -24.82 7.33
C ILE B 7 -6.16 -23.67 7.69
N VAL B 8 -4.96 -23.71 7.12
CA VAL B 8 -4.02 -22.62 7.27
C VAL B 8 -3.73 -21.99 5.91
N VAL B 9 -3.78 -20.66 5.84
CA VAL B 9 -3.37 -19.97 4.62
C VAL B 9 -2.19 -19.06 4.99
N ASP B 10 -1.01 -19.50 4.58
CA ASP B 10 0.22 -18.77 4.87
C ASP B 10 1.26 -19.08 3.81
N PRO B 11 1.62 -18.14 2.94
CA PRO B 11 1.19 -16.75 2.97
C PRO B 11 -0.22 -16.50 2.43
N VAL B 12 -0.91 -15.54 3.03
CA VAL B 12 -2.06 -14.93 2.34
C VAL B 12 -1.51 -14.00 1.26
N THR B 13 -1.68 -14.31 -0.01
CA THR B 13 -1.14 -13.46 -1.08
C THR B 13 -2.17 -12.43 -1.50
N ARG B 14 -1.77 -11.51 -2.40
CA ARG B 14 -2.68 -10.47 -2.91
C ARG B 14 -3.25 -9.64 -1.77
N ILE B 15 -2.32 -9.34 -0.87
CA ILE B 15 -2.44 -8.34 0.16
C ILE B 15 -1.08 -7.62 0.28
N GLU B 16 -1.04 -6.53 1.05
CA GLU B 16 0.27 -6.04 1.42
C GLU B 16 0.65 -6.81 2.70
N GLY B 17 1.93 -7.22 2.69
CA GLY B 17 2.58 -7.72 3.88
C GLY B 17 2.34 -9.19 4.15
N HIS B 18 2.65 -9.62 5.35
CA HIS B 18 2.85 -11.02 5.74
C HIS B 18 1.76 -11.47 6.71
N LEU B 19 0.75 -12.15 6.19
CA LEU B 19 -0.41 -12.57 6.95
C LEU B 19 -0.58 -14.10 6.87
N ARG B 20 -0.90 -14.64 8.03
CA ARG B 20 -1.25 -16.03 8.24
C ARG B 20 -2.68 -16.04 8.79
N ILE B 21 -3.55 -16.78 8.10
CA ILE B 21 -4.92 -16.98 8.56
C ILE B 21 -5.10 -18.45 8.90
N GLU B 22 -5.64 -18.68 10.09
CA GLU B 22 -5.90 -20.03 10.52
C GLU B 22 -7.39 -20.14 10.84
N VAL B 23 -8.05 -21.17 10.36
CA VAL B 23 -9.46 -21.40 10.65
C VAL B 23 -9.63 -22.87 11.07
N GLU B 24 -10.66 -23.06 11.88
CA GLU B 24 -11.24 -24.34 12.22
C GLU B 24 -12.54 -24.48 11.41
N VAL B 25 -12.64 -25.58 10.67
CA VAL B 25 -13.91 -25.70 9.94
C VAL B 25 -14.58 -26.98 10.42
N GLU B 26 -15.90 -26.86 10.50
CA GLU B 26 -16.76 -27.94 10.94
C GLU B 26 -17.85 -28.14 9.89
N ASN B 27 -17.90 -29.33 9.29
CA ASN B 27 -18.89 -29.65 8.26
C ASN B 27 -18.82 -28.63 7.12
N GLY B 28 -17.61 -28.24 6.71
CA GLY B 28 -17.52 -27.33 5.57
C GLY B 28 -17.84 -25.89 5.85
N LYS B 29 -17.98 -25.52 7.11
CA LYS B 29 -18.16 -24.14 7.48
C LYS B 29 -17.15 -23.72 8.53
N VAL B 30 -16.66 -22.50 8.39
CA VAL B 30 -15.71 -21.99 9.39
C VAL B 30 -16.43 -21.69 10.69
N LYS B 31 -15.84 -22.24 11.75
CA LYS B 31 -16.43 -22.07 13.08
C LYS B 31 -15.50 -21.29 13.96
N ASN B 32 -14.24 -21.14 13.60
CA ASN B 32 -13.32 -20.31 14.35
C ASN B 32 -12.18 -19.75 13.51
N ALA B 33 -11.56 -18.63 13.89
CA ALA B 33 -10.59 -17.98 13.02
C ALA B 33 -9.56 -17.21 13.85
N TYR B 34 -8.32 -17.20 13.37
CA TYR B 34 -7.24 -16.40 13.91
C TYR B 34 -6.53 -15.60 12.82
N SER B 35 -6.31 -14.32 13.14
CA SER B 35 -5.54 -13.47 12.23
C SER B 35 -4.11 -13.24 12.75
N SER B 36 -3.09 -13.87 12.13
CA SER B 36 -1.71 -13.80 12.59
C SER B 36 -0.80 -13.05 11.63
N SER B 37 -0.30 -11.91 12.10
CA SER B 37 0.62 -11.01 11.37
C SER B 37 2.04 -11.42 11.71
N THR B 38 2.89 -11.74 10.73
CA THR B 38 4.12 -12.46 11.00
C THR B 38 5.40 -11.70 10.68
N LEU B 39 5.31 -10.39 10.53
CA LEU B 39 6.47 -9.54 10.43
C LEU B 39 6.28 -8.35 11.37
N PHE B 40 7.35 -8.07 12.13
CA PHE B 40 7.46 -6.86 12.94
C PHE B 40 8.68 -6.03 12.49
N ARG B 41 8.57 -4.72 12.43
CA ARG B 41 9.71 -3.86 12.13
C ARG B 41 10.05 -2.93 13.31
N GLY B 42 9.05 -2.41 14.01
CA GLY B 42 9.30 -1.59 15.16
C GLY B 42 9.64 -0.14 14.93
N LEU B 43 8.95 0.47 13.98
CA LEU B 43 9.20 1.87 13.65
C LEU B 43 8.97 2.78 14.86
N GLU B 44 8.06 2.40 15.74
CA GLU B 44 7.76 3.23 16.90
C GLU B 44 8.97 3.29 17.85
N ILE B 45 9.65 2.15 17.93
CA ILE B 45 10.87 2.08 18.72
C ILE B 45 11.97 2.93 18.12
N ILE B 46 12.07 2.84 16.80
CA ILE B 46 13.10 3.55 16.06
C ILE B 46 12.92 5.06 16.14
N LEU B 47 11.68 5.52 16.18
CA LEU B 47 11.47 6.95 16.27
C LEU B 47 11.86 7.59 17.59
N LYS B 48 11.96 6.84 18.68
CA LYS B 48 12.23 7.43 19.96
C LYS B 48 13.47 8.31 19.92
N GLY B 49 13.33 9.54 20.43
CA GLY B 49 14.47 10.43 20.62
C GLY B 49 14.84 11.26 19.40
N ARG B 50 14.18 11.03 18.26
CA ARG B 50 14.48 11.78 17.05
C ARG B 50 13.74 13.09 17.00
N ASP B 51 14.10 13.87 15.98
CA ASP B 51 13.46 15.15 15.70
C ASP B 51 12.03 14.90 15.20
N PRO B 52 11.03 15.51 15.82
CA PRO B 52 9.67 15.31 15.35
C PRO B 52 9.50 15.63 13.87
N ARG B 53 10.31 16.56 13.33
CA ARG B 53 10.19 16.84 11.91
C ARG B 53 10.55 15.64 11.04
N ASP B 54 11.33 14.71 11.58
CA ASP B 54 11.81 13.57 10.84
C ASP B 54 10.75 12.46 10.80
N ALA B 55 9.76 12.55 11.68
CA ALA B 55 8.86 11.43 11.85
C ALA B 55 8.17 11.07 10.53
N GLN B 56 7.64 12.03 9.79
CA GLN B 56 6.88 11.66 8.59
C GLN B 56 7.69 10.86 7.56
N HIS B 57 9.01 11.13 7.50
CA HIS B 57 9.84 10.43 6.53
C HIS B 57 10.00 8.95 6.91
N PHE B 58 10.14 8.68 8.21
CA PHE B 58 10.18 7.31 8.72
C PHE B 58 8.80 6.66 8.59
N THR B 59 7.76 7.36 9.04
CA THR B 59 6.47 6.68 9.12
C THR B 59 5.87 6.44 7.74
N GLN B 60 6.26 7.28 6.77
CA GLN B 60 5.74 6.99 5.44
C GLN B 60 6.12 5.59 4.97
N ARG B 61 7.28 5.15 5.46
CA ARG B 61 7.80 3.83 5.09
C ARG B 61 7.10 2.71 5.89
N THR B 62 6.04 3.10 6.65
CA THR B 62 5.21 2.04 7.20
C THR B 62 4.62 1.20 6.07
N CYS B 63 4.31 1.90 4.97
CA CYS B 63 3.61 1.24 3.87
C CYS B 63 3.73 2.00 2.57
N GLY B 64 4.07 1.25 1.52
CA GLY B 64 4.21 1.84 0.19
C GLY B 64 3.04 1.61 -0.74
N VAL B 65 2.08 0.84 -0.25
CA VAL B 65 0.78 0.64 -0.92
C VAL B 65 -0.06 1.86 -0.54
N CYS B 66 -0.33 2.07 0.75
CA CYS B 66 -0.96 3.32 1.19
C CYS B 66 0.15 4.34 1.45
N THR B 67 1.00 4.48 0.44
CA THR B 67 1.99 5.53 0.44
C THR B 67 1.21 6.82 0.62
N TYR B 68 1.85 7.79 1.14
CA TYR B 68 1.58 9.19 1.43
C TYR B 68 0.79 9.29 2.73
N THR B 69 -0.15 8.34 2.93
CA THR B 69 -1.06 8.47 4.04
C THR B 69 -0.38 8.67 5.39
N HIS B 70 0.70 7.91 5.62
CA HIS B 70 1.39 8.08 6.90
C HIS B 70 2.21 9.37 6.98
N ALA B 71 2.76 9.80 5.84
CA ALA B 71 3.40 11.10 5.82
C ALA B 71 2.40 12.18 6.23
N LEU B 72 1.19 12.03 5.69
CA LEU B 72 0.14 12.99 5.95
C LEU B 72 -0.27 12.94 7.43
N ALA B 73 -0.43 11.71 7.93
CA ALA B 73 -0.87 11.59 9.32
C ALA B 73 0.18 12.15 10.27
N SER B 74 1.46 11.89 9.99
CA SER B 74 2.50 12.38 10.87
C SER B 74 2.62 13.89 10.78
N THR B 75 2.48 14.40 9.57
CA THR B 75 2.55 15.87 9.43
C THR B 75 1.33 16.50 10.12
N ARG B 76 0.15 15.88 9.96
CA ARG B 76 -0.98 16.43 10.70
C ARG B 76 -0.74 16.36 12.22
N CYS B 77 -0.11 15.26 12.62
CA CYS B 77 0.17 15.04 14.04
C CYS B 77 1.11 16.10 14.57
N VAL B 78 2.22 16.36 13.90
CA VAL B 78 3.16 17.37 14.39
C VAL B 78 2.65 18.79 14.19
N ASP B 79 1.94 19.07 13.12
CA ASP B 79 1.24 20.33 12.95
C ASP B 79 0.39 20.64 14.18
N ASN B 80 -0.34 19.62 14.63
CA ASN B 80 -1.24 19.70 15.78
C ASN B 80 -0.48 19.95 17.07
N ALA B 81 0.60 19.18 17.25
CA ALA B 81 1.43 19.35 18.43
C ALA B 81 2.03 20.74 18.57
N VAL B 82 2.42 21.31 17.44
CA VAL B 82 3.10 22.59 17.26
C VAL B 82 2.11 23.72 17.27
N GLY B 83 0.84 23.42 17.00
CA GLY B 83 -0.19 24.44 16.99
C GLY B 83 -0.24 25.29 15.74
N VAL B 84 0.32 24.77 14.64
CA VAL B 84 0.31 25.55 13.39
C VAL B 84 -0.95 25.23 12.60
N HIS B 85 -1.51 26.26 12.00
CA HIS B 85 -2.68 26.19 11.13
C HIS B 85 -2.15 26.48 9.73
N ILE B 86 -2.12 25.39 8.96
CA ILE B 86 -1.47 25.51 7.66
C ILE B 86 -2.33 26.34 6.73
N PRO B 87 -1.71 26.91 5.70
CA PRO B 87 -2.49 27.69 4.73
C PRO B 87 -3.54 26.88 3.98
N LYS B 88 -4.57 27.58 3.50
CA LYS B 88 -5.63 27.03 2.70
C LYS B 88 -5.07 26.16 1.60
N ASN B 89 -4.07 26.70 0.90
CA ASN B 89 -3.61 25.94 -0.24
C ASN B 89 -2.88 24.66 0.14
N ALA B 90 -2.27 24.68 1.33
CA ALA B 90 -1.62 23.44 1.79
C ALA B 90 -2.68 22.39 2.03
N THR B 91 -3.80 22.82 2.60
CA THR B 91 -4.90 21.89 2.82
C THR B 91 -5.45 21.37 1.50
N TYR B 92 -5.64 22.29 0.55
CA TYR B 92 -6.12 21.81 -0.75
C TYR B 92 -5.15 20.79 -1.40
N ILE B 93 -3.86 21.15 -1.42
CA ILE B 93 -2.92 20.30 -2.14
C ILE B 93 -2.80 18.96 -1.44
N ARG B 94 -2.75 19.01 -0.10
CA ARG B 94 -2.69 17.74 0.62
C ARG B 94 -3.93 16.91 0.37
N ASN B 95 -5.10 17.55 0.40
CA ASN B 95 -6.33 16.80 0.07
C ASN B 95 -6.36 16.23 -1.34
N LEU B 96 -5.85 16.98 -2.29
CA LEU B 96 -5.91 16.51 -3.68
C LEU B 96 -5.05 15.27 -3.86
N VAL B 97 -3.87 15.34 -3.24
CA VAL B 97 -2.98 14.18 -3.37
C VAL B 97 -3.59 12.95 -2.71
N LEU B 98 -4.25 13.16 -1.56
CA LEU B 98 -4.91 12.07 -0.87
C LEU B 98 -6.05 11.52 -1.72
N GLY B 99 -6.84 12.39 -2.36
CA GLY B 99 -7.92 11.88 -3.19
C GLY B 99 -7.38 11.02 -4.32
N ALA B 100 -6.25 11.46 -4.88
CA ALA B 100 -5.58 10.71 -5.94
C ALA B 100 -5.13 9.35 -5.39
N GLN B 101 -4.60 9.34 -4.18
CA GLN B 101 -4.18 8.07 -3.58
C GLN B 101 -5.33 7.08 -3.50
N TYR B 102 -6.49 7.55 -3.07
CA TYR B 102 -7.65 6.65 -2.96
C TYR B 102 -8.01 5.99 -4.29
N LEU B 103 -7.99 6.79 -5.37
CA LEU B 103 -8.38 6.27 -6.70
C LEU B 103 -7.38 5.20 -7.12
N HIS B 104 -6.11 5.53 -7.01
CA HIS B 104 -5.06 4.59 -7.38
C HIS B 104 -5.22 3.29 -6.59
N ASP B 105 -5.34 3.49 -5.27
CA ASP B 105 -5.34 2.36 -4.34
C ASP B 105 -6.53 1.44 -4.57
N HIS B 106 -7.74 2.00 -4.62
CA HIS B 106 -8.91 1.14 -4.81
C HIS B 106 -8.97 0.44 -6.16
N ILE B 107 -8.52 1.13 -7.19
CA ILE B 107 -8.51 0.50 -8.50
C ILE B 107 -7.58 -0.71 -8.51
N VAL B 108 -6.38 -0.52 -8.00
CA VAL B 108 -5.45 -1.65 -7.95
C VAL B 108 -5.98 -2.77 -7.04
N HIS B 109 -6.63 -2.37 -5.93
CA HIS B 109 -7.12 -3.44 -5.08
C HIS B 109 -8.13 -4.31 -5.80
N PHE B 110 -9.15 -3.67 -6.38
CA PHE B 110 -10.18 -4.50 -6.98
C PHE B 110 -9.62 -5.39 -8.08
N TYR B 111 -8.80 -4.84 -8.98
CA TYR B 111 -8.33 -5.64 -10.12
C TYR B 111 -7.15 -6.52 -9.74
N HIS B 112 -6.09 -5.91 -9.19
CA HIS B 112 -4.86 -6.69 -9.11
C HIS B 112 -4.75 -7.50 -7.83
N LEU B 113 -5.52 -7.16 -6.80
CA LEU B 113 -5.49 -7.94 -5.57
C LEU B 113 -6.75 -8.79 -5.38
N HIS B 114 -7.95 -8.24 -5.57
CA HIS B 114 -9.14 -9.02 -5.23
C HIS B 114 -9.68 -9.89 -6.34
N ALA B 115 -9.67 -9.42 -7.58
CA ALA B 115 -10.40 -10.05 -8.67
C ALA B 115 -10.02 -11.50 -8.89
N LEU B 116 -8.78 -11.91 -8.60
CA LEU B 116 -8.42 -13.30 -8.93
C LEU B 116 -9.08 -14.28 -7.99
N ASP B 117 -9.77 -13.78 -6.97
CA ASP B 117 -10.60 -14.64 -6.13
C ASP B 117 -11.94 -15.00 -6.75
N PHE B 118 -12.33 -14.27 -7.78
CA PHE B 118 -13.62 -14.36 -8.43
C PHE B 118 -13.53 -14.55 -9.94
N VAL B 119 -12.45 -14.21 -10.61
CA VAL B 119 -12.22 -14.40 -12.02
C VAL B 119 -11.28 -15.55 -12.33
N ASP B 120 -11.73 -16.50 -13.14
CA ASP B 120 -10.91 -17.54 -13.73
C ASP B 120 -10.35 -16.99 -15.04
N VAL B 121 -9.11 -16.52 -15.00
CA VAL B 121 -8.50 -15.92 -16.16
C VAL B 121 -8.29 -16.93 -17.28
N THR B 122 -7.99 -18.18 -17.01
CA THR B 122 -7.84 -19.14 -18.10
C THR B 122 -9.14 -19.46 -18.83
N ALA B 123 -10.28 -19.37 -18.13
CA ALA B 123 -11.55 -19.62 -18.79
C ALA B 123 -11.86 -18.52 -19.81
N ALA B 124 -11.13 -17.41 -19.71
CA ALA B 124 -11.31 -16.35 -20.69
C ALA B 124 -10.90 -16.82 -22.08
N LEU B 125 -10.06 -17.84 -22.10
CA LEU B 125 -9.65 -18.42 -23.39
C LEU B 125 -10.75 -19.12 -24.18
N LYS B 126 -11.75 -19.65 -23.49
CA LYS B 126 -12.93 -20.34 -23.99
C LYS B 126 -13.99 -19.35 -24.46
N ALA B 127 -13.83 -18.06 -24.19
CA ALA B 127 -14.89 -17.11 -24.45
C ALA B 127 -15.07 -16.79 -25.93
N ASP B 128 -16.31 -16.41 -26.23
CA ASP B 128 -16.61 -15.73 -27.49
C ASP B 128 -16.49 -14.22 -27.35
N PRO B 129 -15.48 -13.58 -27.96
CA PRO B 129 -15.24 -12.15 -27.76
C PRO B 129 -16.36 -11.27 -28.30
N ALA B 130 -17.08 -11.76 -29.32
CA ALA B 130 -18.19 -10.92 -29.80
C ALA B 130 -19.28 -10.84 -28.74
N LYS B 131 -19.60 -11.97 -28.12
CA LYS B 131 -20.63 -11.92 -27.08
C LYS B 131 -20.13 -11.13 -25.87
N ALA B 132 -18.88 -11.41 -25.53
CA ALA B 132 -18.26 -10.65 -24.44
C ALA B 132 -18.30 -9.14 -24.73
N ALA B 133 -18.04 -8.77 -25.97
CA ALA B 133 -18.08 -7.33 -26.31
C ALA B 133 -19.49 -6.80 -26.15
N LYS B 134 -20.49 -7.59 -26.47
CA LYS B 134 -21.87 -7.11 -26.34
C LYS B 134 -22.18 -6.82 -24.87
N VAL B 135 -21.71 -7.77 -24.05
CA VAL B 135 -21.97 -7.61 -22.63
C VAL B 135 -21.24 -6.37 -22.12
N ALA B 136 -19.99 -6.20 -22.54
CA ALA B 136 -19.23 -5.08 -21.95
C ALA B 136 -19.87 -3.75 -22.30
N SER B 137 -20.36 -3.72 -23.55
CA SER B 137 -20.91 -2.47 -24.08
C SER B 137 -22.27 -2.23 -23.46
N SER B 138 -22.93 -3.26 -22.95
CA SER B 138 -24.21 -3.02 -22.33
C SER B 138 -24.12 -2.56 -20.88
N ILE B 139 -22.96 -2.65 -20.22
CA ILE B 139 -22.86 -2.29 -18.81
C ILE B 139 -22.17 -0.96 -18.57
N SER B 140 -21.65 -0.40 -19.65
CA SER B 140 -20.81 0.78 -19.64
C SER B 140 -21.10 1.69 -20.83
N PRO B 141 -20.98 3.00 -20.67
CA PRO B 141 -21.17 3.93 -21.79
C PRO B 141 -20.07 3.74 -22.82
N ARG B 142 -19.00 3.12 -22.40
CA ARG B 142 -17.85 2.80 -23.21
C ARG B 142 -18.12 1.57 -24.08
N LYS B 143 -18.04 1.77 -25.37
CA LYS B 143 -18.19 0.73 -26.36
C LYS B 143 -16.88 -0.06 -26.52
N THR B 144 -17.02 -1.36 -26.42
CA THR B 144 -15.99 -2.35 -26.52
C THR B 144 -16.40 -3.25 -27.67
N THR B 145 -15.43 -3.62 -28.52
CA THR B 145 -15.73 -4.45 -29.67
C THR B 145 -15.12 -5.84 -29.55
N ALA B 146 -15.64 -6.75 -30.38
CA ALA B 146 -15.08 -8.09 -30.40
C ALA B 146 -13.59 -8.06 -30.66
N ALA B 147 -13.16 -7.18 -31.55
CA ALA B 147 -11.73 -7.23 -31.85
C ALA B 147 -10.87 -6.77 -30.66
N ASP B 148 -11.43 -5.82 -29.91
CA ASP B 148 -10.78 -5.32 -28.72
C ASP B 148 -10.45 -6.50 -27.79
N LEU B 149 -11.51 -7.29 -27.63
CA LEU B 149 -11.37 -8.37 -26.64
C LEU B 149 -10.61 -9.55 -27.19
N LYS B 150 -10.66 -9.68 -28.52
CA LYS B 150 -9.92 -10.79 -29.12
C LYS B 150 -8.43 -10.55 -28.98
N ALA B 151 -8.06 -9.27 -29.01
CA ALA B 151 -6.65 -8.95 -28.84
C ALA B 151 -6.16 -9.43 -27.47
N VAL B 152 -7.03 -9.25 -26.48
CA VAL B 152 -6.66 -9.66 -25.13
C VAL B 152 -6.56 -11.17 -25.06
N GLN B 153 -7.59 -11.81 -25.66
CA GLN B 153 -7.55 -13.26 -25.69
C GLN B 153 -6.34 -13.84 -26.38
N ASP B 154 -6.03 -13.21 -27.51
CA ASP B 154 -4.88 -13.62 -28.28
C ASP B 154 -3.62 -13.56 -27.45
N LYS B 155 -3.53 -12.42 -26.75
CA LYS B 155 -2.36 -12.23 -25.91
C LYS B 155 -2.26 -13.28 -24.81
N LEU B 156 -3.39 -13.54 -24.17
CA LEU B 156 -3.43 -14.55 -23.11
C LEU B 156 -3.16 -15.95 -23.61
N LYS B 157 -3.61 -16.20 -24.83
CA LYS B 157 -3.46 -17.53 -25.41
C LYS B 157 -1.96 -17.83 -25.55
N THR B 158 -1.24 -16.86 -26.09
CA THR B 158 0.21 -17.02 -26.29
C THR B 158 0.92 -17.25 -24.96
N PHE B 159 0.49 -16.47 -23.97
CA PHE B 159 0.99 -16.55 -22.61
C PHE B 159 0.77 -17.94 -22.03
N VAL B 160 -0.46 -18.45 -22.06
CA VAL B 160 -0.73 -19.81 -21.54
C VAL B 160 -0.11 -20.90 -22.39
N GLU B 161 -0.04 -20.80 -23.73
CA GLU B 161 0.56 -21.93 -24.45
C GLU B 161 2.08 -21.93 -24.21
N THR B 162 2.64 -20.85 -23.64
CA THR B 162 4.07 -21.06 -23.35
C THR B 162 4.29 -21.97 -22.14
N GLY B 163 3.26 -22.30 -21.39
CA GLY B 163 3.47 -23.18 -20.24
C GLY B 163 4.09 -22.49 -19.04
N GLN B 164 4.38 -21.19 -19.15
CA GLN B 164 4.89 -20.35 -18.07
C GLN B 164 3.78 -19.45 -17.57
N LEU B 165 3.00 -19.98 -16.62
CA LEU B 165 1.85 -19.21 -16.14
C LEU B 165 2.18 -18.06 -15.22
N GLY B 166 3.39 -17.94 -14.78
CA GLY B 166 3.85 -16.82 -13.99
C GLY B 166 3.01 -16.60 -12.75
N PRO B 167 2.42 -15.42 -12.62
CA PRO B 167 1.56 -15.13 -11.46
C PRO B 167 0.28 -15.95 -11.37
N PHE B 168 -0.05 -16.75 -12.40
CA PHE B 168 -1.25 -17.57 -12.34
C PHE B 168 -0.93 -19.02 -11.99
N THR B 169 0.35 -19.31 -11.81
CA THR B 169 0.75 -20.66 -11.39
C THR B 169 0.03 -21.15 -10.15
N ASN B 170 -0.60 -22.33 -10.28
CA ASN B 170 -1.33 -22.97 -9.20
C ASN B 170 -2.50 -22.14 -8.70
N ALA B 171 -3.04 -21.29 -9.56
CA ALA B 171 -4.22 -20.53 -9.14
C ALA B 171 -5.34 -21.46 -8.71
N TYR B 172 -6.13 -21.01 -7.72
CA TYR B 172 -7.21 -21.87 -7.24
C TYR B 172 -8.23 -22.23 -8.32
N PHE B 173 -8.39 -21.42 -9.35
CA PHE B 173 -9.33 -21.65 -10.45
C PHE B 173 -8.82 -22.59 -11.52
N LEU B 174 -7.52 -22.88 -11.58
CA LEU B 174 -7.05 -23.79 -12.61
C LEU B 174 -7.76 -25.14 -12.54
N GLY B 175 -8.23 -25.61 -13.69
CA GLY B 175 -8.97 -26.85 -13.82
C GLY B 175 -10.44 -26.75 -13.48
N GLY B 176 -10.81 -25.52 -13.09
CA GLY B 176 -12.14 -25.27 -12.58
C GLY B 176 -12.27 -25.38 -11.07
N HIS B 177 -13.27 -24.70 -10.53
CA HIS B 177 -13.45 -24.68 -9.07
C HIS B 177 -14.91 -24.36 -8.77
N PRO B 178 -15.55 -25.09 -7.87
CA PRO B 178 -16.99 -24.98 -7.65
C PRO B 178 -17.51 -23.63 -7.17
N ALA B 179 -16.79 -22.87 -6.41
CA ALA B 179 -16.97 -21.51 -6.00
C ALA B 179 -16.58 -20.49 -7.08
N TYR B 180 -16.09 -20.87 -8.24
CA TYR B 180 -15.89 -19.86 -9.30
C TYR B 180 -17.10 -19.92 -10.23
N TYR B 181 -17.94 -18.91 -10.36
CA TYR B 181 -19.21 -18.87 -11.04
C TYR B 181 -19.23 -18.16 -12.39
N LEU B 182 -18.26 -17.33 -12.73
CA LEU B 182 -18.41 -16.55 -13.95
C LEU B 182 -18.34 -17.37 -15.24
N ASP B 183 -19.06 -16.89 -16.23
CA ASP B 183 -19.00 -17.46 -17.56
C ASP B 183 -17.75 -16.90 -18.26
N PRO B 184 -17.31 -17.62 -19.30
CA PRO B 184 -16.10 -17.22 -20.02
C PRO B 184 -16.12 -15.77 -20.45
N GLU B 185 -17.31 -15.36 -20.87
CA GLU B 185 -17.34 -14.01 -21.45
C GLU B 185 -17.03 -12.98 -20.39
N THR B 186 -17.64 -13.19 -19.23
CA THR B 186 -17.40 -12.24 -18.14
C THR B 186 -15.97 -12.29 -17.63
N ASN B 187 -15.43 -13.52 -17.63
CA ASN B 187 -14.01 -13.63 -17.28
C ASN B 187 -13.14 -12.87 -18.26
N LEU B 188 -13.51 -12.95 -19.54
CA LEU B 188 -12.71 -12.21 -20.51
C LEU B 188 -12.82 -10.71 -20.30
N ILE B 189 -14.04 -10.22 -20.03
CA ILE B 189 -14.13 -8.77 -19.82
C ILE B 189 -13.30 -8.33 -18.62
N ALA B 190 -13.36 -9.13 -17.54
CA ALA B 190 -12.62 -8.80 -16.34
C ALA B 190 -11.11 -8.84 -16.58
N THR B 191 -10.70 -9.84 -17.36
CA THR B 191 -9.28 -9.97 -17.65
C THR B 191 -8.75 -8.85 -18.50
N ALA B 192 -9.55 -8.43 -19.47
CA ALA B 192 -9.19 -7.27 -20.26
C ALA B 192 -9.03 -6.03 -19.40
N HIS B 193 -9.98 -5.86 -18.50
CA HIS B 193 -9.94 -4.66 -17.64
C HIS B 193 -8.81 -4.70 -16.63
N TYR B 194 -8.48 -5.88 -16.13
CA TYR B 194 -7.30 -6.09 -15.27
C TYR B 194 -6.05 -5.54 -15.93
N LEU B 195 -5.91 -5.98 -17.19
CA LEU B 195 -4.77 -5.59 -18.01
C LEU B 195 -4.81 -4.08 -18.23
N GLU B 196 -6.01 -3.60 -18.54
CA GLU B 196 -6.15 -2.18 -18.79
C GLU B 196 -5.76 -1.36 -17.57
N ALA B 197 -6.21 -1.94 -16.45
CA ALA B 197 -5.96 -1.32 -15.16
C ALA B 197 -4.48 -1.27 -14.88
N LEU B 198 -3.67 -2.23 -15.33
CA LEU B 198 -2.24 -2.06 -15.10
C LEU B 198 -1.63 -0.81 -15.71
N ARG B 199 -2.15 -0.40 -16.88
CA ARG B 199 -1.62 0.85 -17.41
C ARG B 199 -2.35 2.04 -16.82
N LEU B 200 -3.63 1.89 -16.53
CA LEU B 200 -4.31 3.10 -16.07
C LEU B 200 -3.76 3.56 -14.73
N GLN B 201 -3.36 2.60 -13.89
CA GLN B 201 -2.87 2.95 -12.54
C GLN B 201 -1.58 3.77 -12.61
N VAL B 202 -0.81 3.60 -13.70
CA VAL B 202 0.36 4.45 -13.84
C VAL B 202 -0.01 5.94 -13.83
N LYS B 203 -1.12 6.26 -14.51
CA LYS B 203 -1.59 7.64 -14.60
C LYS B 203 -2.17 8.11 -13.28
N ALA B 204 -2.90 7.23 -12.59
CA ALA B 204 -3.46 7.59 -11.30
C ALA B 204 -2.35 7.89 -10.28
N ALA B 205 -1.27 7.10 -10.34
CA ALA B 205 -0.15 7.36 -9.44
C ALA B 205 0.61 8.60 -9.87
N ARG B 206 0.69 8.81 -11.19
CA ARG B 206 1.40 10.01 -11.67
C ARG B 206 0.73 11.27 -11.12
N ALA B 207 -0.58 11.20 -10.99
CA ALA B 207 -1.29 12.39 -10.52
C ALA B 207 -0.74 12.83 -9.16
N MET B 208 -0.40 11.86 -8.31
CA MET B 208 0.20 12.22 -7.03
C MET B 208 1.55 12.89 -7.17
N ALA B 209 2.32 12.49 -8.17
CA ALA B 209 3.68 12.98 -8.34
C ALA B 209 3.70 14.40 -8.90
N VAL B 210 2.61 14.80 -9.54
CA VAL B 210 2.52 16.13 -10.14
C VAL B 210 2.80 17.20 -9.09
N PHE B 211 2.08 17.07 -7.98
CA PHE B 211 2.26 17.92 -6.80
C PHE B 211 3.23 17.33 -5.78
N GLY B 212 3.28 16.01 -5.63
CA GLY B 212 3.95 15.42 -4.51
C GLY B 212 5.31 14.83 -4.81
N ALA B 213 5.92 15.12 -5.93
CA ALA B 213 7.28 14.79 -6.28
C ALA B 213 7.46 13.41 -6.91
N LYS B 214 6.86 12.39 -6.33
CA LYS B 214 7.08 11.04 -6.82
C LYS B 214 6.11 10.08 -6.12
N ASN B 215 5.87 8.98 -6.79
CA ASN B 215 5.08 7.90 -6.25
C ASN B 215 5.83 6.62 -6.67
N PRO B 216 6.07 5.75 -5.70
CA PRO B 216 5.76 5.84 -4.28
C PRO B 216 6.67 6.77 -3.48
N HIS B 217 6.12 7.13 -2.34
CA HIS B 217 6.67 7.87 -1.23
C HIS B 217 6.93 9.31 -1.64
N THR B 218 5.85 10.08 -1.57
CA THR B 218 5.80 11.50 -1.83
C THR B 218 6.78 12.31 -0.97
N GLN B 219 7.14 13.49 -1.47
CA GLN B 219 8.13 14.30 -0.77
C GLN B 219 7.78 15.76 -1.04
N PHE B 220 6.68 16.19 -0.45
CA PHE B 220 6.22 17.58 -0.54
C PHE B 220 5.59 18.16 0.71
N THR B 221 5.39 17.40 1.78
CA THR B 221 4.79 17.86 3.01
C THR B 221 5.88 18.30 3.98
N VAL B 222 5.59 19.36 4.73
CA VAL B 222 6.41 19.79 5.82
C VAL B 222 5.47 20.23 6.94
N VAL B 223 6.01 20.31 8.14
CA VAL B 223 5.24 20.94 9.22
C VAL B 223 4.93 22.36 8.77
N GLY B 224 3.69 22.79 8.86
CA GLY B 224 3.27 24.12 8.45
C GLY B 224 2.71 24.17 7.05
N GLY B 225 2.82 23.12 6.24
CA GLY B 225 2.24 23.16 4.93
C GLY B 225 2.79 22.19 3.91
N VAL B 226 3.08 22.72 2.74
CA VAL B 226 3.71 21.99 1.63
C VAL B 226 4.83 22.81 1.00
N THR B 227 5.64 22.15 0.18
CA THR B 227 6.83 22.78 -0.34
C THR B 227 6.78 23.14 -1.82
N CYS B 228 5.79 22.58 -2.48
CA CYS B 228 5.68 22.54 -3.94
C CYS B 228 5.07 23.82 -4.53
N TYR B 229 5.87 24.90 -4.57
CA TYR B 229 5.44 26.09 -5.29
C TYR B 229 5.02 25.80 -6.72
N ASP B 230 5.59 24.78 -7.37
CA ASP B 230 5.22 24.55 -8.78
C ASP B 230 3.75 24.15 -8.90
N ALA B 231 3.19 23.68 -7.78
CA ALA B 231 1.80 23.19 -7.74
C ALA B 231 0.76 24.30 -7.92
N LEU B 232 1.24 25.53 -7.81
CA LEU B 232 0.45 26.73 -7.96
C LEU B 232 0.31 27.11 -9.43
N THR B 233 1.18 26.53 -10.26
CA THR B 233 1.19 26.93 -11.67
C THR B 233 0.04 26.31 -12.45
N PRO B 234 -0.50 27.03 -13.43
CA PRO B 234 -1.55 26.46 -14.28
C PRO B 234 -1.11 25.18 -14.99
N GLN B 235 0.16 25.08 -15.38
CA GLN B 235 0.62 23.90 -16.10
C GLN B 235 0.54 22.64 -15.24
N ARG B 236 1.02 22.70 -14.00
CA ARG B 236 0.97 21.55 -13.11
C ARG B 236 -0.49 21.22 -12.80
N ILE B 237 -1.31 22.25 -12.61
CA ILE B 237 -2.72 21.99 -12.27
C ILE B 237 -3.38 21.30 -13.45
N ALA B 238 -3.01 21.75 -14.64
CA ALA B 238 -3.59 21.19 -15.85
C ALA B 238 -3.16 19.74 -15.99
N GLU B 239 -1.91 19.51 -15.64
CA GLU B 239 -1.41 18.15 -15.77
C GLU B 239 -2.16 17.22 -14.83
N PHE B 240 -2.34 17.71 -13.60
CA PHE B 240 -3.09 16.94 -12.58
C PHE B 240 -4.51 16.67 -13.07
N GLU B 241 -5.14 17.76 -13.51
CA GLU B 241 -6.54 17.68 -13.93
C GLU B 241 -6.75 16.66 -15.03
N ALA B 242 -5.85 16.63 -16.04
CA ALA B 242 -6.00 15.64 -17.11
C ALA B 242 -5.82 14.22 -16.62
N LEU B 243 -4.92 13.97 -15.67
CA LEU B 243 -4.76 12.61 -15.14
C LEU B 243 -5.96 12.22 -14.30
N TRP B 244 -6.46 13.22 -13.54
CA TRP B 244 -7.65 12.96 -12.73
C TRP B 244 -8.83 12.64 -13.61
N LYS B 245 -9.02 13.44 -14.66
CA LYS B 245 -10.20 13.19 -15.51
C LYS B 245 -10.13 11.80 -16.14
N GLU B 246 -8.95 11.33 -16.58
CA GLU B 246 -8.85 9.99 -17.18
C GLU B 246 -9.08 8.88 -16.17
N THR B 247 -8.53 9.08 -14.97
CA THR B 247 -8.72 8.15 -13.86
C THR B 247 -10.20 8.04 -13.49
N LYS B 248 -10.87 9.20 -13.39
CA LYS B 248 -12.30 9.17 -13.04
C LYS B 248 -13.13 8.44 -14.09
N ALA B 249 -12.75 8.67 -15.36
CA ALA B 249 -13.45 7.99 -16.44
C ALA B 249 -13.37 6.48 -16.27
N PHE B 250 -12.19 6.01 -15.90
CA PHE B 250 -11.97 4.59 -15.73
C PHE B 250 -12.81 4.08 -14.56
N VAL B 251 -12.80 4.86 -13.47
CA VAL B 251 -13.62 4.49 -12.31
C VAL B 251 -15.05 4.34 -12.74
N ASP B 252 -15.56 5.39 -13.37
CA ASP B 252 -16.98 5.40 -13.72
C ASP B 252 -17.42 4.46 -14.81
N GLU B 253 -16.58 4.23 -15.82
CA GLU B 253 -16.98 3.45 -16.99
C GLU B 253 -16.40 2.04 -17.01
N VAL B 254 -15.37 1.77 -16.19
CA VAL B 254 -14.79 0.42 -16.21
C VAL B 254 -14.94 -0.27 -14.85
N TYR B 255 -14.34 0.34 -13.82
CA TYR B 255 -14.34 -0.28 -12.49
C TYR B 255 -15.75 -0.50 -11.98
N ILE B 256 -16.56 0.53 -11.84
CA ILE B 256 -17.85 0.28 -11.19
C ILE B 256 -18.75 -0.66 -11.98
N PRO B 257 -18.88 -0.51 -13.28
CA PRO B 257 -19.67 -1.54 -13.99
C PRO B 257 -19.14 -2.96 -13.79
N ASP B 258 -17.83 -3.20 -13.73
CA ASP B 258 -17.27 -4.52 -13.51
C ASP B 258 -17.61 -5.05 -12.12
N LEU B 259 -17.46 -4.17 -11.16
CA LEU B 259 -17.80 -4.51 -9.77
C LEU B 259 -19.26 -4.96 -9.69
N LEU B 260 -20.13 -4.23 -10.41
CA LEU B 260 -21.57 -4.55 -10.37
C LEU B 260 -21.85 -5.91 -11.04
N VAL B 261 -21.19 -6.16 -12.16
CA VAL B 261 -21.39 -7.43 -12.86
C VAL B 261 -20.98 -8.59 -11.98
N VAL B 262 -19.82 -8.40 -11.36
CA VAL B 262 -19.36 -9.49 -10.52
C VAL B 262 -20.18 -9.66 -9.26
N ALA B 263 -20.58 -8.55 -8.66
CA ALA B 263 -21.41 -8.67 -7.47
C ALA B 263 -22.70 -9.42 -7.78
N ALA B 264 -23.31 -9.06 -8.90
CA ALA B 264 -24.53 -9.71 -9.32
C ALA B 264 -24.32 -11.20 -9.52
N ALA B 265 -23.17 -11.66 -10.01
CA ALA B 265 -22.94 -13.07 -10.23
C ALA B 265 -22.68 -13.84 -8.92
N TYR B 266 -22.30 -13.13 -7.89
CA TYR B 266 -21.92 -13.66 -6.60
C TYR B 266 -22.83 -13.12 -5.50
N LYS B 267 -24.09 -12.89 -5.84
CA LYS B 267 -25.02 -12.39 -4.84
C LYS B 267 -25.14 -13.28 -3.60
N ASP B 268 -24.68 -14.54 -3.58
CA ASP B 268 -24.75 -15.31 -2.33
C ASP B 268 -23.75 -14.75 -1.33
N TRP B 269 -22.82 -13.95 -1.83
CA TRP B 269 -21.80 -13.38 -0.96
C TRP B 269 -22.33 -12.25 -0.09
N THR B 270 -23.63 -11.96 -0.24
CA THR B 270 -24.28 -11.05 0.69
C THR B 270 -24.55 -11.77 2.03
N GLN B 271 -24.34 -13.08 2.03
CA GLN B 271 -24.68 -13.89 3.18
C GLN B 271 -23.52 -14.10 4.14
N TYR B 272 -22.31 -13.73 3.79
CA TYR B 272 -21.10 -14.01 4.54
C TYR B 272 -20.26 -12.74 4.79
N GLY B 273 -19.51 -12.76 5.87
CA GLY B 273 -18.49 -11.85 6.31
C GLY B 273 -18.94 -10.50 6.84
N GLY B 274 -20.12 -10.47 7.47
CA GLY B 274 -20.58 -9.23 8.06
C GLY B 274 -19.92 -8.98 9.41
N THR B 275 -20.10 -7.75 9.89
CA THR B 275 -19.50 -7.30 11.13
C THR B 275 -20.51 -6.38 11.82
N ASP B 276 -20.24 -6.12 13.08
CA ASP B 276 -21.14 -5.46 14.00
C ASP B 276 -20.83 -3.97 14.21
N ASN B 277 -19.57 -3.60 14.31
CA ASN B 277 -19.27 -2.23 14.76
C ASN B 277 -18.35 -1.54 13.75
N PHE B 278 -18.53 -0.21 13.64
CA PHE B 278 -17.88 0.62 12.62
C PHE B 278 -17.33 1.93 13.17
N ILE B 279 -16.11 2.23 12.71
CA ILE B 279 -15.49 3.49 13.09
C ILE B 279 -14.83 4.13 11.88
N THR B 280 -14.93 5.45 11.85
CA THR B 280 -14.33 6.27 10.81
C THR B 280 -14.04 7.66 11.35
N PHE B 281 -13.00 8.24 10.77
CA PHE B 281 -12.41 9.48 11.24
C PHE B 281 -12.77 10.68 10.38
N GLY B 282 -13.33 10.47 9.22
CA GLY B 282 -13.66 11.55 8.31
C GLY B 282 -12.40 11.94 7.54
N GLU B 283 -12.61 12.63 6.41
CA GLU B 283 -11.48 13.02 5.57
C GLU B 283 -11.86 14.19 4.67
N PHE B 284 -10.84 14.89 4.27
CA PHE B 284 -10.84 16.07 3.39
C PHE B 284 -11.38 17.29 4.13
N PRO B 285 -10.61 17.81 5.08
CA PRO B 285 -10.97 18.96 5.88
C PRO B 285 -10.96 20.29 5.12
N LYS B 286 -11.87 21.11 5.65
CA LYS B 286 -11.79 22.55 5.41
C LYS B 286 -10.99 23.19 6.54
N ASP B 287 -11.09 22.63 7.74
CA ASP B 287 -10.42 23.10 8.94
C ASP B 287 -9.61 21.95 9.54
N GLU B 288 -8.28 22.12 9.58
CA GLU B 288 -7.42 21.05 10.04
C GLU B 288 -7.68 20.70 11.51
N TYR B 289 -8.35 21.54 12.27
CA TYR B 289 -8.58 21.29 13.70
C TYR B 289 -10.00 20.84 14.00
N ASP B 290 -10.82 20.61 12.97
CA ASP B 290 -12.20 20.22 13.21
C ASP B 290 -12.60 19.07 12.29
N LEU B 291 -12.65 17.86 12.85
CA LEU B 291 -12.97 16.68 12.05
C LEU B 291 -14.32 16.86 11.37
N ASN B 292 -15.19 17.62 12.04
CA ASN B 292 -16.54 17.72 11.49
C ASN B 292 -16.57 18.70 10.33
N SER B 293 -15.45 19.34 10.03
CA SER B 293 -15.32 20.14 8.83
C SER B 293 -14.97 19.29 7.60
N ARG B 294 -14.81 17.97 7.75
CA ARG B 294 -14.41 17.11 6.64
C ARG B 294 -15.57 16.70 5.76
N PHE B 295 -15.28 16.45 4.48
CA PHE B 295 -16.29 16.04 3.52
C PHE B 295 -17.01 14.77 3.96
N PHE B 296 -16.21 13.85 4.47
CA PHE B 296 -16.75 12.70 5.20
C PHE B 296 -16.51 13.00 6.68
N LYS B 297 -17.52 12.80 7.52
CA LYS B 297 -17.42 13.16 8.94
C LYS B 297 -17.10 11.93 9.78
N PRO B 298 -16.48 12.11 10.94
CA PRO B 298 -16.16 10.94 11.78
C PRO B 298 -17.45 10.40 12.37
N GLY B 299 -17.38 9.20 12.94
CA GLY B 299 -18.52 8.67 13.64
C GLY B 299 -18.18 7.25 14.10
N VAL B 300 -19.02 6.79 15.02
CA VAL B 300 -18.87 5.47 15.60
C VAL B 300 -20.22 4.78 15.65
N VAL B 301 -20.31 3.53 15.25
CA VAL B 301 -21.59 2.83 15.34
C VAL B 301 -21.38 1.47 15.97
N PHE B 302 -22.26 1.11 16.87
CA PHE B 302 -22.23 -0.17 17.51
C PHE B 302 -23.44 -1.02 17.12
N LYS B 303 -23.24 -2.29 16.91
CA LYS B 303 -24.28 -3.29 16.68
C LYS B 303 -25.22 -2.84 15.54
N ARG B 304 -24.63 -2.23 14.51
CA ARG B 304 -25.33 -1.85 13.29
C ARG B 304 -26.43 -0.84 13.54
N ASP B 305 -26.34 -0.14 14.67
CA ASP B 305 -27.39 0.83 14.97
C ASP B 305 -27.08 2.17 14.33
N PHE B 306 -27.37 2.32 13.05
CA PHE B 306 -26.98 3.55 12.37
C PHE B 306 -27.92 4.72 12.62
N LYS B 307 -29.00 4.42 13.33
CA LYS B 307 -29.89 5.52 13.74
C LYS B 307 -29.32 6.22 14.97
N ASN B 308 -28.31 5.62 15.60
CA ASN B 308 -27.66 6.27 16.73
C ASN B 308 -26.14 6.34 16.56
N ILE B 309 -25.70 7.15 15.60
CA ILE B 309 -24.28 7.38 15.40
C ILE B 309 -23.76 8.15 16.61
N LYS B 310 -22.65 7.64 17.15
CA LYS B 310 -22.07 8.23 18.35
C LYS B 310 -20.90 9.09 17.90
N PRO B 311 -20.64 10.12 18.67
CA PRO B 311 -19.48 10.94 18.37
C PRO B 311 -18.22 10.12 18.63
N PHE B 312 -17.21 10.45 17.83
CA PHE B 312 -15.90 9.83 17.99
C PHE B 312 -15.13 10.55 19.11
N ASP B 313 -14.86 9.84 20.19
CA ASP B 313 -14.05 10.32 21.29
C ASP B 313 -12.67 9.68 21.25
N LYS B 314 -11.63 10.44 20.94
CA LYS B 314 -10.32 9.86 20.73
C LYS B 314 -9.71 9.24 21.98
N MET B 315 -10.27 9.59 23.15
CA MET B 315 -9.71 9.07 24.39
C MET B 315 -10.23 7.66 24.66
N GLN B 316 -11.15 7.16 23.84
CA GLN B 316 -11.75 5.86 24.10
C GLN B 316 -11.09 4.70 23.35
N ILE B 317 -9.98 5.03 22.73
CA ILE B 317 -9.15 4.09 22.02
C ILE B 317 -8.08 3.51 22.95
N GLU B 318 -8.06 2.17 23.01
CA GLU B 318 -7.00 1.46 23.70
C GLU B 318 -6.53 0.28 22.86
N GLU B 319 -5.23 0.08 22.85
CA GLU B 319 -4.62 -1.00 22.10
C GLU B 319 -4.18 -2.11 23.08
N HIS B 320 -4.75 -3.28 22.83
CA HIS B 320 -4.47 -4.47 23.61
C HIS B 320 -3.26 -5.22 23.06
N VAL B 321 -2.65 -5.89 24.02
CA VAL B 321 -1.54 -6.79 23.73
C VAL B 321 -1.72 -8.22 24.27
N ARG B 322 -2.78 -8.58 24.99
CA ARG B 322 -2.89 -9.91 25.62
C ARG B 322 -2.69 -11.07 24.68
N HIS B 323 -3.12 -10.89 23.41
CA HIS B 323 -3.02 -11.96 22.42
C HIS B 323 -2.00 -11.61 21.33
N SER B 324 -1.16 -10.65 21.64
CA SER B 324 -0.11 -10.16 20.75
C SER B 324 1.27 -10.46 21.31
N TRP B 325 2.27 -10.46 20.46
CA TRP B 325 3.63 -10.73 20.94
C TRP B 325 4.34 -9.50 21.49
N TYR B 326 3.76 -8.95 22.55
CA TYR B 326 4.32 -7.85 23.29
C TYR B 326 4.27 -8.26 24.76
N GLU B 327 5.06 -7.56 25.55
CA GLU B 327 5.12 -7.78 26.99
C GLU B 327 3.78 -7.49 27.67
N GLY B 328 3.37 -8.46 28.52
CA GLY B 328 2.26 -8.18 29.38
C GLY B 328 0.90 -8.33 28.75
N ALA B 329 -0.08 -7.69 29.38
CA ALA B 329 -1.45 -7.78 28.93
C ALA B 329 -2.19 -6.45 29.06
N GLU B 330 -1.48 -5.36 29.32
CA GLU B 330 -2.14 -4.09 29.59
C GLU B 330 -2.42 -3.30 28.32
N ALA B 331 -3.68 -2.96 28.08
CA ALA B 331 -4.09 -2.11 26.98
C ALA B 331 -3.68 -0.68 27.30
N ARG B 332 -3.35 0.06 26.26
CA ARG B 332 -2.89 1.42 26.44
C ARG B 332 -3.51 2.38 25.43
N HIS B 333 -3.91 3.54 25.91
CA HIS B 333 -4.23 4.67 25.02
C HIS B 333 -2.92 5.06 24.33
N PRO B 334 -2.97 5.37 23.05
CA PRO B 334 -1.72 5.65 22.28
C PRO B 334 -0.82 6.75 22.83
N TRP B 335 -1.31 7.76 23.54
CA TRP B 335 -0.52 8.79 24.18
C TRP B 335 0.24 8.25 25.38
N LYS B 336 -0.11 7.03 25.77
CA LYS B 336 0.58 6.23 26.79
C LYS B 336 0.99 4.87 26.23
N GLY B 337 1.23 4.85 24.91
CA GLY B 337 1.47 3.56 24.31
C GLY B 337 2.81 2.97 24.61
N GLN B 338 2.87 1.64 24.35
CA GLN B 338 4.08 0.87 24.62
C GLN B 338 4.31 -0.14 23.51
N THR B 339 5.55 -0.26 23.07
CA THR B 339 5.88 -1.22 22.00
C THR B 339 7.12 -2.00 22.41
N GLN B 340 6.82 -3.06 23.12
CA GLN B 340 7.74 -3.93 23.84
C GLN B 340 7.63 -5.36 23.35
N PRO B 341 8.32 -5.67 22.25
CA PRO B 341 8.16 -6.98 21.66
C PRO B 341 8.60 -8.12 22.57
N LYS B 342 7.80 -9.17 22.49
CA LYS B 342 8.10 -10.40 23.22
C LYS B 342 7.45 -11.56 22.49
N TYR B 343 8.24 -12.33 21.76
CA TYR B 343 7.72 -13.39 20.91
C TYR B 343 7.55 -14.70 21.68
N THR B 344 6.40 -15.35 21.40
CA THR B 344 6.10 -16.58 22.08
C THR B 344 5.72 -17.72 21.11
N ASP B 345 5.90 -17.46 19.85
CA ASP B 345 5.55 -18.36 18.76
C ASP B 345 4.03 -18.47 18.68
N LEU B 346 3.56 -19.22 17.68
CA LEU B 346 2.13 -19.27 17.42
C LEU B 346 1.28 -19.93 18.50
N HIS B 347 0.39 -19.14 19.07
CA HIS B 347 -0.48 -19.49 20.18
C HIS B 347 0.31 -19.73 21.45
N GLY B 348 1.61 -19.41 21.53
CA GLY B 348 2.32 -19.44 22.79
C GLY B 348 1.71 -18.43 23.75
N ASP B 349 1.27 -18.93 24.90
CA ASP B 349 0.62 -18.08 25.90
C ASP B 349 -0.58 -17.36 25.30
N ASP B 350 -1.22 -18.05 24.36
CA ASP B 350 -2.41 -17.56 23.67
C ASP B 350 -2.11 -16.29 22.87
N ARG B 351 -0.87 -16.16 22.41
CA ARG B 351 -0.51 -15.01 21.55
C ARG B 351 -0.23 -15.47 20.12
N TYR B 352 -0.69 -14.70 19.11
CA TYR B 352 -0.54 -15.21 17.75
C TYR B 352 -0.36 -14.11 16.72
N SER B 353 -0.02 -12.88 17.10
CA SER B 353 0.14 -11.81 16.12
C SER B 353 1.10 -10.69 16.56
N TRP B 354 1.77 -10.05 15.59
CA TRP B 354 2.56 -8.88 15.87
C TRP B 354 1.79 -7.57 15.90
N MET B 355 0.56 -7.54 15.53
CA MET B 355 -0.43 -6.51 15.62
C MET B 355 -0.97 -6.45 17.04
N LYS B 356 -1.12 -5.22 17.48
CA LYS B 356 -1.92 -4.95 18.68
C LYS B 356 -3.41 -5.02 18.31
N ALA B 357 -4.28 -5.03 19.32
CA ALA B 357 -5.71 -5.15 19.11
C ALA B 357 -6.40 -3.89 19.63
N PRO B 358 -6.60 -2.95 18.72
CA PRO B 358 -7.24 -1.71 19.13
C PRO B 358 -8.72 -1.97 19.41
N ARG B 359 -9.20 -1.35 20.48
CA ARG B 359 -10.61 -1.46 20.84
C ARG B 359 -11.14 -0.07 21.15
N TYR B 360 -12.39 0.19 20.79
CA TYR B 360 -13.02 1.48 21.08
C TYR B 360 -14.11 1.26 22.12
N MET B 361 -14.03 1.87 23.29
CA MET B 361 -14.97 1.56 24.37
C MET B 361 -15.09 0.04 24.56
N GLY B 362 -13.95 -0.62 24.42
CA GLY B 362 -13.75 -2.04 24.54
C GLY B 362 -14.24 -2.90 23.39
N GLU B 363 -14.72 -2.34 22.31
CA GLU B 363 -15.30 -3.11 21.20
C GLU B 363 -14.37 -3.18 20.00
N PRO B 364 -14.43 -4.30 19.29
CA PRO B 364 -13.71 -4.44 18.02
C PRO B 364 -14.48 -3.69 16.94
N MET B 365 -13.78 -2.91 16.12
CA MET B 365 -14.41 -2.01 15.16
C MET B 365 -13.88 -2.24 13.76
N GLU B 366 -14.78 -2.41 12.82
CA GLU B 366 -14.38 -2.38 11.43
C GLU B 366 -14.16 -0.94 11.00
N THR B 367 -13.13 -0.74 10.20
CA THR B 367 -12.92 0.60 9.61
C THR B 367 -12.62 0.38 8.14
N GLY B 368 -12.62 1.40 7.27
CA GLY B 368 -12.42 1.26 5.87
C GLY B 368 -13.67 1.72 5.15
N PRO B 369 -13.67 1.41 3.84
CA PRO B 369 -14.73 1.91 2.97
C PRO B 369 -16.11 1.57 3.47
N LEU B 370 -16.37 0.39 4.04
CA LEU B 370 -17.77 0.11 4.43
C LEU B 370 -18.17 0.97 5.62
N ALA B 371 -17.24 1.20 6.54
CA ALA B 371 -17.53 2.10 7.67
C ALA B 371 -17.74 3.53 7.18
N GLN B 372 -16.89 4.02 6.27
CA GLN B 372 -16.97 5.39 5.80
C GLN B 372 -18.32 5.59 5.08
N VAL B 373 -18.64 4.63 4.22
CA VAL B 373 -19.85 4.73 3.39
C VAL B 373 -21.09 4.62 4.27
N LEU B 374 -21.15 3.63 5.14
CA LEU B 374 -22.37 3.46 5.94
C LEU B 374 -22.60 4.62 6.88
N ILE B 375 -21.51 5.06 7.50
CA ILE B 375 -21.72 6.17 8.44
C ILE B 375 -22.07 7.44 7.71
N ALA B 376 -21.41 7.70 6.57
CA ALA B 376 -21.70 8.93 5.83
C ALA B 376 -23.15 8.90 5.34
N TYR B 377 -23.59 7.75 4.85
CA TYR B 377 -24.98 7.53 4.43
C TYR B 377 -25.90 7.93 5.58
N SER B 378 -25.59 7.43 6.76
CA SER B 378 -26.42 7.65 7.93
C SER B 378 -26.38 9.07 8.46
N GLN B 379 -25.41 9.86 8.00
CA GLN B 379 -25.27 11.27 8.34
C GLN B 379 -25.94 12.20 7.31
N GLY B 380 -26.52 11.59 6.28
CA GLY B 380 -27.21 12.30 5.22
C GLY B 380 -26.30 12.82 4.12
N HIS B 381 -25.12 12.24 4.01
CA HIS B 381 -24.22 12.68 2.93
C HIS B 381 -24.90 12.44 1.60
N PRO B 382 -25.20 13.51 0.87
CA PRO B 382 -26.01 13.34 -0.34
C PRO B 382 -25.30 12.62 -1.47
N LYS B 383 -24.01 12.82 -1.67
CA LYS B 383 -23.29 12.08 -2.73
C LYS B 383 -23.25 10.60 -2.45
N VAL B 384 -22.89 10.21 -1.25
CA VAL B 384 -22.84 8.83 -0.80
C VAL B 384 -24.22 8.23 -0.90
N LYS B 385 -25.25 8.96 -0.48
CA LYS B 385 -26.58 8.34 -0.55
C LYS B 385 -27.00 8.00 -1.99
N ALA B 386 -26.71 8.94 -2.90
CA ALA B 386 -27.10 8.81 -4.30
C ALA B 386 -26.45 7.62 -4.99
N VAL B 387 -25.13 7.54 -4.82
CA VAL B 387 -24.38 6.43 -5.38
C VAL B 387 -24.76 5.11 -4.72
N THR B 388 -24.91 5.15 -3.40
CA THR B 388 -25.25 3.91 -2.70
C THR B 388 -26.63 3.42 -3.14
N ASP B 389 -27.58 4.34 -3.16
CA ASP B 389 -28.92 3.89 -3.57
C ASP B 389 -28.93 3.31 -4.97
N ALA B 390 -28.17 3.97 -5.84
CA ALA B 390 -28.13 3.47 -7.22
C ALA B 390 -27.53 2.08 -7.30
N VAL B 391 -26.44 1.87 -6.58
CA VAL B 391 -25.81 0.54 -6.58
C VAL B 391 -26.77 -0.54 -6.07
N LEU B 392 -27.35 -0.23 -4.92
CA LEU B 392 -28.35 -1.15 -4.33
C LEU B 392 -29.43 -1.41 -5.37
N ALA B 393 -29.90 -0.35 -6.06
CA ALA B 393 -30.99 -0.57 -6.99
C ALA B 393 -30.56 -1.45 -8.17
N LYS B 394 -29.32 -1.28 -8.63
CA LYS B 394 -28.89 -2.07 -9.80
C LYS B 394 -28.75 -3.55 -9.44
N LEU B 395 -28.29 -3.80 -8.20
CA LEU B 395 -28.12 -5.19 -7.79
C LEU B 395 -29.41 -5.84 -7.32
N GLY B 396 -30.43 -5.00 -7.14
CA GLY B 396 -31.71 -5.48 -6.67
C GLY B 396 -31.63 -6.06 -5.28
N VAL B 397 -30.93 -5.34 -4.42
CA VAL B 397 -30.88 -5.84 -3.05
C VAL B 397 -31.20 -4.70 -2.09
N GLY B 398 -31.50 -5.07 -0.85
CA GLY B 398 -31.76 -4.08 0.19
C GLY B 398 -30.52 -3.77 0.99
N PRO B 399 -30.65 -2.73 1.79
CA PRO B 399 -29.49 -2.17 2.49
C PRO B 399 -28.79 -3.20 3.37
N GLU B 400 -29.54 -4.19 3.85
CA GLU B 400 -28.96 -5.19 4.72
C GLU B 400 -27.89 -6.00 4.00
N ALA B 401 -27.96 -5.98 2.67
CA ALA B 401 -26.92 -6.67 1.91
C ALA B 401 -25.55 -6.03 2.10
N LEU B 402 -25.50 -4.78 2.55
CA LEU B 402 -24.15 -4.20 2.68
C LEU B 402 -23.34 -4.82 3.80
N PHE B 403 -23.98 -5.48 4.76
CA PHE B 403 -23.26 -6.04 5.88
C PHE B 403 -22.73 -7.43 5.51
N SER B 404 -21.78 -7.41 4.60
CA SER B 404 -21.14 -8.64 4.18
C SER B 404 -19.92 -8.40 3.30
N THR B 405 -19.26 -9.50 2.93
CA THR B 405 -18.12 -9.42 2.02
C THR B 405 -18.47 -8.72 0.72
N LEU B 406 -19.65 -9.05 0.16
CA LEU B 406 -20.06 -8.37 -1.08
C LEU B 406 -20.24 -6.87 -0.89
N GLY B 407 -20.89 -6.40 0.12
CA GLY B 407 -21.28 -5.12 0.62
C GLY B 407 -20.00 -4.30 0.79
N ARG B 408 -19.01 -4.93 1.41
CA ARG B 408 -17.75 -4.22 1.69
C ARG B 408 -17.01 -3.91 0.39
N THR B 409 -17.03 -4.90 -0.51
CA THR B 409 -16.41 -4.74 -1.81
C THR B 409 -17.12 -3.65 -2.62
N ALA B 410 -18.47 -3.70 -2.52
CA ALA B 410 -19.26 -2.66 -3.19
C ALA B 410 -18.95 -1.28 -2.59
N ALA B 411 -18.83 -1.24 -1.26
CA ALA B 411 -18.59 0.03 -0.60
C ALA B 411 -17.28 0.67 -1.06
N ARG B 412 -16.29 -0.19 -1.31
CA ARG B 412 -15.01 0.31 -1.80
C ARG B 412 -15.21 1.03 -3.12
N GLY B 413 -16.05 0.45 -3.98
CA GLY B 413 -16.37 1.11 -5.26
C GLY B 413 -17.15 2.39 -5.11
N ILE B 414 -18.16 2.31 -4.22
CA ILE B 414 -18.93 3.51 -3.95
C ILE B 414 -18.03 4.66 -3.51
N GLU B 415 -17.10 4.36 -2.60
CA GLU B 415 -16.25 5.41 -2.08
C GLU B 415 -15.36 5.92 -3.19
N THR B 416 -14.90 5.05 -4.04
CA THR B 416 -14.06 5.49 -5.16
C THR B 416 -14.82 6.47 -6.04
N ALA B 417 -16.08 6.15 -6.36
CA ALA B 417 -16.84 6.98 -7.29
C ALA B 417 -17.08 8.37 -6.72
N VAL B 418 -17.42 8.39 -5.43
CA VAL B 418 -17.72 9.65 -4.75
C VAL B 418 -16.50 10.55 -4.66
N ILE B 419 -15.36 9.93 -4.32
CA ILE B 419 -14.12 10.69 -4.18
C ILE B 419 -13.63 11.18 -5.53
N ALA B 420 -13.80 10.31 -6.54
CA ALA B 420 -13.36 10.72 -7.88
C ALA B 420 -14.09 12.02 -8.24
N GLU B 421 -15.38 12.09 -7.88
CA GLU B 421 -16.08 13.31 -8.22
C GLU B 421 -15.63 14.47 -7.34
N TYR B 422 -15.45 14.18 -6.06
CA TYR B 422 -15.17 15.28 -5.13
C TYR B 422 -13.80 15.85 -5.42
N VAL B 423 -12.88 15.05 -5.95
CA VAL B 423 -11.61 15.62 -6.39
C VAL B 423 -11.83 16.80 -7.33
N GLY B 424 -12.87 16.70 -8.19
CA GLY B 424 -13.05 17.82 -9.13
C GLY B 424 -13.52 19.07 -8.40
N VAL B 425 -14.28 18.85 -7.32
CA VAL B 425 -14.78 19.97 -6.53
C VAL B 425 -13.65 20.64 -5.78
N MET B 426 -12.78 19.82 -5.16
CA MET B 426 -11.62 20.41 -4.49
C MET B 426 -10.72 21.13 -5.49
N LEU B 427 -10.49 20.54 -6.66
CA LEU B 427 -9.66 21.15 -7.66
C LEU B 427 -10.11 22.57 -8.01
N GLN B 428 -11.43 22.66 -8.17
CA GLN B 428 -12.02 23.96 -8.52
C GLN B 428 -11.88 24.95 -7.36
N GLU B 429 -12.08 24.46 -6.14
CA GLU B 429 -11.93 25.37 -4.98
C GLU B 429 -10.49 25.89 -4.86
N TYR B 430 -9.56 24.99 -5.17
CA TYR B 430 -8.13 25.31 -5.21
C TYR B 430 -7.90 26.40 -6.25
N LYS B 431 -8.39 26.17 -7.47
CA LYS B 431 -8.17 27.15 -8.54
C LYS B 431 -8.73 28.50 -8.18
N ASP B 432 -9.92 28.46 -7.62
CA ASP B 432 -10.63 29.65 -7.16
C ASP B 432 -9.80 30.42 -6.14
N ASN B 433 -9.14 29.70 -5.22
CA ASN B 433 -8.40 30.35 -4.17
C ASN B 433 -7.15 31.04 -4.69
N ILE B 434 -6.47 30.34 -5.61
CA ILE B 434 -5.32 30.94 -6.29
C ILE B 434 -5.72 32.20 -7.04
N ALA B 435 -6.83 32.17 -7.76
CA ALA B 435 -7.36 33.28 -8.54
C ALA B 435 -7.73 34.48 -7.67
N LYS B 436 -7.95 34.19 -6.35
CA LYS B 436 -8.22 35.30 -5.43
C LYS B 436 -6.90 35.97 -5.05
N GLY B 437 -5.76 35.39 -5.39
CA GLY B 437 -4.47 35.99 -5.10
C GLY B 437 -3.84 35.32 -3.88
N ASP B 438 -4.40 34.21 -3.40
CA ASP B 438 -3.73 33.52 -2.30
C ASP B 438 -2.70 32.54 -2.88
N ASN B 439 -1.43 32.85 -2.68
CA ASN B 439 -0.32 32.06 -3.23
C ASN B 439 0.56 31.44 -2.15
N VAL B 440 0.05 31.45 -0.92
CA VAL B 440 0.81 30.94 0.23
C VAL B 440 0.57 29.45 0.43
N ILE B 441 1.63 28.68 0.66
CA ILE B 441 1.49 27.23 0.83
C ILE B 441 2.14 26.66 2.10
N CYS B 442 2.89 27.48 2.84
CA CYS B 442 3.57 27.08 4.07
C CYS B 442 3.50 28.21 5.08
N ALA B 443 3.25 27.86 6.33
CA ALA B 443 3.22 28.79 7.45
C ALA B 443 4.38 28.57 8.40
N PRO B 444 4.86 29.64 9.05
CA PRO B 444 5.92 29.46 10.05
C PRO B 444 5.36 28.89 11.34
N TRP B 445 6.30 28.26 12.06
CA TRP B 445 5.97 27.60 13.32
C TRP B 445 7.21 27.46 14.19
N GLU B 446 6.98 27.11 15.46
CA GLU B 446 8.05 26.94 16.42
C GLU B 446 7.89 25.62 17.16
N MET B 447 9.00 24.93 17.41
CA MET B 447 8.96 23.66 18.12
C MET B 447 8.80 23.84 19.63
N PRO B 448 7.73 23.28 20.20
CA PRO B 448 7.62 23.30 21.67
C PRO B 448 8.55 22.31 22.34
N LYS B 449 8.89 22.61 23.59
CA LYS B 449 9.74 21.62 24.26
C LYS B 449 8.95 20.42 24.71
N GLN B 450 7.71 20.71 25.05
CA GLN B 450 6.82 19.66 25.53
C GLN B 450 5.44 19.84 24.90
N ALA B 451 4.84 18.76 24.42
CA ALA B 451 3.55 18.87 23.76
C ALA B 451 3.00 17.47 23.48
N GLU B 452 1.72 17.41 23.24
CA GLU B 452 0.99 16.22 22.82
C GLU B 452 0.34 16.59 21.48
N GLY B 453 0.37 15.65 20.55
CA GLY B 453 -0.34 15.88 19.31
C GLY B 453 -0.90 14.59 18.77
N VAL B 454 -1.89 14.76 17.90
CA VAL B 454 -2.54 13.65 17.18
C VAL B 454 -2.93 14.16 15.80
N GLY B 455 -2.75 13.24 14.86
CA GLY B 455 -3.13 13.47 13.49
C GLY B 455 -4.05 12.37 13.02
N PHE B 456 -5.13 12.72 12.35
CA PHE B 456 -6.12 11.78 11.86
C PHE B 456 -6.25 11.81 10.34
N VAL B 457 -6.20 10.66 9.73
CA VAL B 457 -6.41 10.47 8.27
C VAL B 457 -7.41 9.36 8.11
N ASN B 458 -8.39 9.56 7.25
CA ASN B 458 -9.15 8.39 6.84
C ASN B 458 -8.48 7.92 5.54
N ALA B 459 -7.67 6.89 5.67
CA ALA B 459 -6.91 6.31 4.56
C ALA B 459 -7.78 5.38 3.75
N PRO B 460 -7.37 4.87 2.62
CA PRO B 460 -8.21 3.92 1.87
C PRO B 460 -8.68 2.71 2.69
N ARG B 461 -7.96 2.29 3.74
CA ARG B 461 -8.42 1.14 4.54
C ARG B 461 -9.06 1.55 5.86
N GLY B 462 -9.16 2.87 6.11
CA GLY B 462 -9.86 3.39 7.25
C GLY B 462 -9.13 4.33 8.16
N GLY B 463 -9.53 4.41 9.42
CA GLY B 463 -9.10 5.43 10.36
C GLY B 463 -7.67 5.20 10.83
N LEU B 464 -6.81 6.10 10.39
CA LEU B 464 -5.41 6.14 10.75
C LEU B 464 -5.14 7.27 11.74
N SER B 465 -4.41 6.94 12.81
CA SER B 465 -4.01 7.99 13.73
C SER B 465 -2.56 7.82 14.14
N HIS B 466 -1.89 8.99 14.15
CA HIS B 466 -0.54 9.09 14.69
C HIS B 466 -0.55 10.02 15.90
N TRP B 467 0.18 9.57 16.90
CA TRP B 467 0.17 10.16 18.24
C TRP B 467 1.59 10.41 18.71
N ILE B 468 1.81 11.68 19.04
CA ILE B 468 3.11 12.05 19.55
C ILE B 468 3.03 12.72 20.91
N ARG B 469 4.06 12.42 21.68
CA ARG B 469 4.48 13.14 22.88
C ARG B 469 5.89 13.68 22.63
N ILE B 470 5.98 14.98 22.64
CA ILE B 470 7.23 15.71 22.52
C ILE B 470 7.76 16.02 23.90
N GLU B 471 9.04 15.68 24.11
CA GLU B 471 9.71 15.94 25.41
C GLU B 471 11.09 16.48 25.10
N ASP B 472 11.44 17.60 25.70
CA ASP B 472 12.73 18.21 25.37
C ASP B 472 12.84 18.50 23.88
N GLY B 473 11.72 18.79 23.22
CA GLY B 473 11.77 19.08 21.78
C GLY B 473 11.97 17.88 20.88
N LYS B 474 11.99 16.68 21.43
CA LYS B 474 12.24 15.47 20.67
C LYS B 474 11.09 14.48 20.86
N ILE B 475 11.21 13.38 20.10
CA ILE B 475 10.11 12.42 20.19
C ILE B 475 10.25 11.66 21.48
N GLY B 476 9.34 11.89 22.43
CA GLY B 476 9.36 11.04 23.62
C GLY B 476 8.58 9.74 23.41
N ASN B 477 7.45 9.84 22.74
CA ASN B 477 6.70 8.66 22.38
C ASN B 477 6.05 9.00 21.04
N PHE B 478 5.96 7.98 20.19
CA PHE B 478 5.28 8.10 18.91
C PHE B 478 4.56 6.76 18.69
N GLN B 479 3.26 6.85 18.53
CA GLN B 479 2.47 5.64 18.34
C GLN B 479 1.60 5.78 17.10
N LEU B 480 1.64 4.72 16.28
CA LEU B 480 0.77 4.61 15.13
C LEU B 480 -0.35 3.63 15.47
N VAL B 481 -1.60 3.98 15.22
CA VAL B 481 -2.75 3.08 15.25
C VAL B 481 -3.40 3.12 13.87
N VAL B 482 -3.29 1.97 13.17
CA VAL B 482 -3.49 1.98 11.72
C VAL B 482 -4.76 1.21 11.34
N PRO B 483 -5.45 1.55 10.25
CA PRO B 483 -6.71 0.87 9.91
C PRO B 483 -6.60 -0.66 9.96
N SER B 484 -5.60 -1.27 9.34
CA SER B 484 -5.54 -2.73 9.40
C SER B 484 -5.28 -3.28 10.81
N THR B 485 -4.74 -2.42 11.70
CA THR B 485 -4.59 -2.83 13.10
C THR B 485 -5.98 -3.08 13.69
N TRP B 486 -6.92 -2.14 13.49
CA TRP B 486 -8.30 -2.24 13.93
C TRP B 486 -8.97 -3.50 13.36
N THR B 487 -8.83 -3.66 12.05
CA THR B 487 -9.58 -4.66 11.33
C THR B 487 -8.99 -6.05 11.42
N LEU B 488 -7.66 -6.14 11.37
CA LEU B 488 -6.99 -7.43 11.25
C LEU B 488 -6.14 -7.78 12.49
N GLY B 489 -6.11 -6.92 13.50
CA GLY B 489 -5.45 -7.28 14.75
C GLY B 489 -6.17 -8.47 15.37
N PRO B 490 -5.57 -9.02 16.41
CA PRO B 490 -6.10 -10.21 17.07
C PRO B 490 -7.15 -9.89 18.12
N ARG B 491 -7.51 -10.89 18.92
CA ARG B 491 -8.35 -10.73 20.09
C ARG B 491 -7.70 -9.81 21.13
N CYS B 492 -8.58 -9.21 21.93
CA CYS B 492 -8.25 -8.36 23.04
C CYS B 492 -8.27 -9.12 24.37
N ASP B 493 -8.04 -8.44 25.48
CA ASP B 493 -7.97 -9.12 26.77
C ASP B 493 -9.38 -9.47 27.20
N LYS B 494 -10.43 -9.14 26.47
CA LYS B 494 -11.81 -9.55 26.73
C LYS B 494 -12.16 -10.71 25.78
N ASN B 495 -11.15 -11.18 25.06
CA ASN B 495 -11.18 -12.27 24.10
C ASN B 495 -12.17 -12.07 22.96
N LYS B 496 -12.39 -10.79 22.65
CA LYS B 496 -13.32 -10.43 21.59
C LYS B 496 -12.60 -10.65 20.26
N LEU B 497 -13.21 -11.40 19.38
CA LEU B 497 -12.63 -11.57 18.06
C LEU B 497 -12.61 -10.23 17.32
N SER B 498 -11.54 -10.09 16.55
CA SER B 498 -11.42 -8.90 15.71
C SER B 498 -12.39 -8.95 14.53
N PRO B 499 -12.57 -7.81 13.87
CA PRO B 499 -13.50 -7.82 12.74
C PRO B 499 -13.21 -8.89 11.70
N VAL B 500 -11.97 -9.08 11.28
CA VAL B 500 -11.71 -10.11 10.27
C VAL B 500 -12.02 -11.52 10.78
N GLU B 501 -11.66 -11.78 12.04
CA GLU B 501 -11.84 -13.09 12.64
C GLU B 501 -13.33 -13.38 12.77
N ALA B 502 -14.09 -12.42 13.30
CA ALA B 502 -15.53 -12.60 13.43
C ALA B 502 -16.23 -12.74 12.09
N SER B 503 -15.75 -12.01 11.08
CA SER B 503 -16.39 -12.04 9.77
C SER B 503 -16.21 -13.39 9.08
N LEU B 504 -15.19 -14.15 9.45
CA LEU B 504 -14.89 -15.44 8.83
C LEU B 504 -15.80 -16.55 9.33
N ILE B 505 -16.41 -16.35 10.49
CA ILE B 505 -17.20 -17.40 11.08
C ILE B 505 -18.42 -17.58 10.17
N GLY B 506 -18.68 -18.81 9.77
CA GLY B 506 -19.80 -19.11 8.88
C GLY B 506 -19.45 -19.20 7.42
N THR B 507 -18.17 -18.94 7.11
CA THR B 507 -17.77 -19.03 5.72
C THR B 507 -17.83 -20.47 5.27
N PRO B 508 -18.53 -20.73 4.17
CA PRO B 508 -18.51 -22.06 3.58
C PRO B 508 -17.18 -22.31 2.85
N VAL B 509 -16.72 -23.55 2.91
CA VAL B 509 -15.50 -23.95 2.21
C VAL B 509 -15.68 -25.19 1.35
N ALA B 510 -15.77 -24.97 0.04
CA ALA B 510 -16.09 -26.08 -0.86
C ALA B 510 -14.95 -27.09 -0.96
N ASP B 511 -13.73 -26.58 -1.08
CA ASP B 511 -12.52 -27.36 -1.26
C ASP B 511 -11.43 -26.81 -0.35
N ALA B 512 -11.14 -27.58 0.69
CA ALA B 512 -10.18 -27.18 1.71
C ALA B 512 -8.78 -26.96 1.17
N LYS B 513 -8.40 -27.64 0.10
CA LYS B 513 -7.10 -27.42 -0.51
C LYS B 513 -7.01 -26.13 -1.31
N ARG B 514 -8.15 -25.54 -1.65
CA ARG B 514 -8.19 -24.30 -2.43
C ARG B 514 -9.26 -23.38 -1.85
N PRO B 515 -9.00 -22.84 -0.68
CA PRO B 515 -10.02 -22.17 0.13
C PRO B 515 -10.25 -20.70 -0.23
N VAL B 516 -10.75 -20.55 -1.45
CA VAL B 516 -10.94 -19.22 -2.03
C VAL B 516 -11.96 -18.43 -1.23
N GLU B 517 -12.90 -19.10 -0.61
CA GLU B 517 -13.92 -18.34 0.12
C GLU B 517 -13.26 -17.60 1.28
N ILE B 518 -12.25 -18.21 1.88
CA ILE B 518 -11.59 -17.45 2.97
C ILE B 518 -10.88 -16.24 2.43
N LEU B 519 -10.23 -16.43 1.29
CA LEU B 519 -9.58 -15.28 0.67
C LEU B 519 -10.57 -14.19 0.30
N ARG B 520 -11.74 -14.60 -0.17
CA ARG B 520 -12.69 -13.56 -0.58
C ARG B 520 -13.03 -12.59 0.55
N THR B 521 -13.28 -13.15 1.72
CA THR B 521 -13.62 -12.32 2.88
C THR B 521 -12.39 -11.56 3.36
N VAL B 522 -11.27 -12.25 3.49
CA VAL B 522 -10.08 -11.54 3.95
C VAL B 522 -9.72 -10.40 3.01
N HIS B 523 -9.69 -10.68 1.72
CA HIS B 523 -9.35 -9.66 0.74
C HIS B 523 -10.35 -8.50 0.74
N SER B 524 -11.61 -8.76 1.07
CA SER B 524 -12.58 -7.67 1.08
C SER B 524 -12.22 -6.57 2.07
N PHE B 525 -11.46 -6.88 3.10
CA PHE B 525 -10.99 -5.88 4.04
C PHE B 525 -9.76 -5.14 3.54
N ASP B 526 -9.17 -5.61 2.44
CA ASP B 526 -7.96 -4.98 1.88
C ASP B 526 -6.84 -4.90 2.91
N PRO B 527 -6.40 -6.04 3.42
CA PRO B 527 -5.40 -6.04 4.50
C PRO B 527 -4.07 -5.43 4.09
N CYS B 528 -3.49 -4.76 5.07
CA CYS B 528 -2.13 -4.24 4.90
C CYS B 528 -1.36 -4.50 6.17
N ILE B 529 -0.47 -5.47 6.15
CA ILE B 529 0.12 -5.92 7.42
C ILE B 529 1.32 -5.10 7.88
N ALA B 530 2.05 -4.53 6.92
CA ALA B 530 3.09 -3.57 7.23
C ALA B 530 2.48 -2.37 7.96
N CYS B 531 1.34 -1.93 7.42
CA CYS B 531 0.55 -0.92 8.10
C CYS B 531 0.14 -1.35 9.50
N GLY B 532 -0.45 -2.54 9.55
CA GLY B 532 -1.04 -2.98 10.81
C GLY B 532 -0.06 -3.11 11.95
N VAL B 533 1.13 -3.59 11.65
CA VAL B 533 2.16 -3.93 12.62
C VAL B 533 3.19 -2.83 12.77
N HIS B 534 3.62 -2.18 11.69
CA HIS B 534 4.63 -1.16 11.63
C HIS B 534 5.81 -1.49 12.56
FE1 SF4 C . 9.81 0.38 1.50
FE2 SF4 C . 12.28 -0.44 2.04
FE3 SF4 C . 11.92 2.00 1.13
FE4 SF4 C . 11.50 -0.13 -0.54
S1 SF4 C . 13.53 0.52 0.34
S2 SF4 C . 10.25 1.73 -0.28
S3 SF4 C . 10.70 -1.70 0.99
S4 SF4 C . 11.12 1.18 3.18
FE1 SF4 D . 22.29 20.53 -4.49
FE2 SF4 D . 20.03 20.08 -3.08
FE3 SF4 D . 19.96 20.99 -5.63
FE4 SF4 D . 20.87 22.63 -3.69
S1 SF4 D . 18.73 21.83 -3.92
S2 SF4 D . 21.74 22.40 -5.75
S3 SF4 D . 21.95 21.06 -2.27
S4 SF4 D . 20.76 18.86 -4.92
FE1 F3S E . 17.01 12.10 -2.89
FE3 F3S E . 16.19 10.90 -5.18
FE4 F3S E . 15.77 9.72 -2.77
S1 F3S E . 16.04 13.10 -4.69
S2 F3S E . 15.41 11.48 -1.34
S3 F3S E . 17.83 10.12 -3.70
S4 F3S E . 14.31 9.74 -4.55
C1 MPD F . 28.65 23.37 -13.09
C2 MPD F . 28.90 24.62 -12.30
O2 MPD F . 28.26 24.38 -11.03
CM MPD F . 30.34 24.97 -12.08
C3 MPD F . 28.23 25.87 -12.89
C4 MPD F . 26.77 25.70 -13.24
O4 MPD F . 26.04 25.11 -12.19
C5 MPD F . 26.13 27.03 -13.61
C1 MPD G . 25.80 -4.79 0.08
C2 MPD G . 27.12 -4.08 0.25
O2 MPD G . 27.89 -4.20 -0.98
CM MPD G . 26.88 -2.64 0.58
C3 MPD G . 27.96 -4.73 1.35
C4 MPD G . 28.26 -6.22 1.29
O4 MPD G . 29.43 -6.52 0.56
C5 MPD G . 28.45 -6.79 2.69
C1 MPD H . 18.91 -18.81 -16.90
C2 MPD H . 18.23 -17.50 -16.58
O2 MPD H . 17.05 -17.47 -17.42
CM MPD H . 17.84 -17.48 -15.14
C3 MPD H . 19.02 -16.23 -16.88
C4 MPD H . 20.21 -16.28 -17.80
O4 MPD H . 20.14 -15.31 -18.84
C5 MPD H . 21.53 -15.99 -17.08
MG MG I . 1.18 1.05 16.76
NI FNE J . -0.82 0.22 3.90
FE FNE J . -2.50 1.60 5.31
C1 FNE J . -3.46 0.46 6.41
C2 FNE J . -4.11 2.08 4.41
C3 FNE J . -2.81 2.90 6.44
O1 FNE J . -4.20 -0.39 6.84
O2 FNE J . -4.89 2.50 3.76
O3 FNE J . -3.06 3.81 7.10
C1 MPD K . -26.37 0.70 7.32
C2 MPD K . -26.98 1.87 6.59
O2 MPD K . -28.38 1.89 6.93
CM MPD K . -26.37 3.16 7.00
C3 MPD K . -26.84 1.77 5.08
C4 MPD K . -28.04 1.27 4.30
O4 MPD K . -29.26 1.73 4.82
C5 MPD K . -27.98 1.71 2.85
C1 MPD L . 12.90 26.35 12.34
C2 MPD L . 11.62 25.59 12.54
O2 MPD L . 10.91 26.28 13.58
CM MPD L . 10.77 25.67 11.31
C3 MPD L . 11.82 24.15 12.98
C4 MPD L . 12.38 23.83 14.35
O4 MPD L . 11.88 22.62 14.89
C5 MPD L . 13.90 23.63 14.31
#